data_9ITH
#
_entry.id   9ITH
#
_cell.length_a   1.00
_cell.length_b   1.00
_cell.length_c   1.00
_cell.angle_alpha   90.00
_cell.angle_beta   90.00
_cell.angle_gamma   90.00
#
_symmetry.space_group_name_H-M   'P 1'
#
loop_
_entity.id
_entity.type
_entity.pdbx_description
1 polymer 'Sodium channel protein type 5 subunit alpha'
2 non-polymer 2-acetamido-2-deoxy-beta-D-glucopyranose
3 non-polymer '(1R,5R,6R,7R,9S,11S,12S,13S,14S)-3-amino-14-(hydroxymethyl)-8,10-dioxa-2,4-diazatetracyclo[7.3.1.1~7,11~.0~1,6~]tetradec-3-ene-5,9,12,13,14-pentol (non-preferred name)'
4 non-polymer (3beta,14beta,17beta,25R)-3-[4-methoxy-3-(methoxymethyl)butoxy]spirost-5-en
#
_entity_poly.entity_id   1
_entity_poly.type   'polypeptide(L)'
_entity_poly.pdbx_seq_one_letter_code
;MASWSHPQFEKGGGARGGSGGGSWSHPQFEKGFDYKDDDDKGTMANFLLPRGTSSFRRFTRESLAAIEKRMAEKQARGST
TLQESREGLPEEEAPRPQLDLQASKKLPDLYGNPPQELIGEPLEDLDPFYSTQKTFIVLNKGKTIFRFSATNALYVLSPF
HPIRRAAVKILVHSLFNMLIMCTILTNCVFMAQHDPPPWTKYVEYTFTAIYTFESLVKILARGFCLHAFTFLRDPWNWLD
FSVIIMAYTTEFVDLGNVSALRTFRVLRALKTISVISGLKTIVGALIQSVKKLADVMVLTVFCLSVFALIGLQLFMGNLR
HKCVRNFTALNGTNGSVEADGLVWESLDLYLSDPENYLLKNGTSDVLLCGNSSDAGTCPEGYRCLKAGENPDHGYTSFDS
FAWAFLALFRLMTQDCWERLYQQTLRSAGKIYMIFFMLVIFLGSFYLVNLILAVVAMAYEEQNQATIAETEEKEKRFQEA
MEMLKKEHEALTIRGVDTVSRSSLEMSPLAPVNSHERRSKRRKRMSSGTEECGEDRLPKSDSEDGPRAMNHLSLTRGLSR
TSMKPRSSRGSIFTFRRRDLGSEADFADDENSTAGESESHHTSLLVPWPLRRTSAQGQPSPGTSAPGHALHGKKNSTVDC
NGVVSLLGAGDPEATSPGSHLLRPVMLEHPPDTTTPSEEPGGPQMLTSQAPCVDGFEEPGARQRALSAVSVLTSALEELE
ESRHKCPPCWNRLAQRYLIWECCPLWMSIKQGVKLVVMDPFTDLTITMCIVLNTLFMALEHYNMTSEFEEMLQVGNLVFT
GIFTAEMTFKIIALDPYYYFQQGWNIFDSIIVILSLMELGLSRMSNLSVLRSFRLLRVFKLAKSWPTLNTLIKIIGNSVG
ALGNLTLVLAIIVFIFAVVGMQLFGKNYSELRDSDSGLLPRWHMMDFFHAFLIIFRILCGEWIETMWDCMEVSGQSLCLL
VFLLVMVIGNLVVLNLFLALLLSSFSADNLTAPDEDREMNNLQLALARIQRGLRFVKRTTWDFCCGLLRQRPQKPAALAA
QGQLPSCIATPYSPPPPETEKVPPTRKETRFEEGEQPGQGTPGDPEPVCVPIAVAESDTDDQEEDEENSLGTEEESSKQQ
ESQPVSGGPEAPPDSRTWSQVSATASSEAEASASQADWRQQWKAEPQAPGCGETPEDSCSEGSTADMTNTAELLEQIPDL
GQDVKDPEDCFTEGCVRRCPCCAVDTTQAPGKVWWRLRKTCYHIVEHSWFETFIIFMILLSSGALAFEDIYLEERKTIKV
LLEYADKMFTYVFVLEMLLKWVAYGFKKYFTNAWCWLDFLIVDVSLVSLVANTLGFAEMGPIKSLRTLRALRPLRALSRF
EGMRVVVNALVGAIPSIMNVLLVCLIFWLIFSIMGVNLFAGKFGRCINQTEGDLPLNYTIVNNKSQCESLNLTGELYWTK
VKVNFDNVGAGYLALLQVATFKGWMDIMYAAVDSRGYEEQPQWEYNLYMYIYFVIFIIFGSFFTLNLFIGVIIDNFNQQK
KKLGGQDIFMTEEQKKYYNAMKKLGSKKPQKPIPRPLNKYQGFIFDIVTKQAFDVTIMFLICLNMVTMMVETDDQSPEKI
NILAKINLLFVAIFTGECIVKLAALRHYYFTNSWNIFDFVVVILSIVGTVLSDIIQKYFFSPTLFRVIRLARIGRILRLI
RGAKGIRTLLFALMMSLPALFNIGLLLFLVMFIYSIFGMANFAYVKWEAGIDDMFNFQTFANSMLCLFQITTSAGWDGLL
SPILNTGPPYCDPTLPNSNGSRGDCGSPAVGILFFTTYIIISFLIVVNMYIAIILENFSVATEESTEPLSEDDFDMFYEI
WEKFDPEATQFIEYSVLSDFADALSEPLRIAKPNQISLINMDLPMVSGDRIHCMDILFAFTKRVLGESGEMDALKIQMEE
KFMAANPSKISYEPITTTLRRKHEEVSAMVIQRAFRRHLLQRSLKHASFLFRQQAGSGLSEEDAPEREGLIAYVMSENFS
RPLGPPSSSSISSTSFPPSYDSVTRATSDNLQVRGSDYSHSEDLADFPPSPDRDRESIV
;
_entity_poly.pdbx_strand_id   A
#
# COMPACT_ATOMS: atom_id res chain seq x y z
N PRO A 162 21.52 -58.77 13.08
CA PRO A 162 21.30 -58.02 14.31
C PRO A 162 19.99 -57.25 14.30
N ILE A 163 19.95 -56.12 15.02
CA ILE A 163 18.76 -55.28 15.07
C ILE A 163 18.83 -54.12 14.10
N ARG A 164 19.95 -53.98 13.38
CA ARG A 164 20.09 -52.95 12.36
C ARG A 164 19.07 -53.22 11.27
N ARG A 165 18.98 -54.46 10.84
CA ARG A 165 17.99 -54.85 9.84
C ARG A 165 16.56 -54.63 10.36
N ALA A 166 16.37 -54.72 11.68
CA ALA A 166 15.08 -54.35 12.27
C ALA A 166 14.94 -52.84 12.40
N ALA A 167 16.06 -52.13 12.60
CA ALA A 167 16.02 -50.68 12.60
C ALA A 167 15.57 -50.14 11.25
N VAL A 168 16.02 -50.75 10.16
CA VAL A 168 15.56 -50.34 8.84
C VAL A 168 14.06 -50.59 8.70
N LYS A 169 13.57 -51.73 9.19
CA LYS A 169 12.14 -52.00 9.13
C LYS A 169 11.35 -50.96 9.91
N ILE A 170 11.82 -50.60 11.11
CA ILE A 170 11.14 -49.59 11.91
C ILE A 170 11.28 -48.20 11.29
N LEU A 171 12.27 -48.03 10.41
CA LEU A 171 12.51 -46.71 9.82
C LEU A 171 11.48 -46.37 8.74
N VAL A 172 11.03 -47.37 7.98
CA VAL A 172 10.21 -47.12 6.80
C VAL A 172 8.72 -47.00 7.12
N HIS A 173 8.30 -47.35 8.33
CA HIS A 173 6.88 -47.32 8.65
C HIS A 173 6.37 -45.88 8.73
N SER A 174 5.09 -45.71 8.40
CA SER A 174 4.43 -44.42 8.52
C SER A 174 4.08 -44.07 9.96
N LEU A 175 3.97 -45.08 10.83
CA LEU A 175 3.72 -44.81 12.24
C LEU A 175 4.87 -44.04 12.87
N PHE A 176 6.10 -44.28 12.40
CA PHE A 176 7.25 -43.50 12.86
C PHE A 176 7.06 -42.02 12.54
N ASN A 177 6.68 -41.72 11.29
CA ASN A 177 6.45 -40.35 10.90
C ASN A 177 5.30 -39.72 11.67
N MET A 178 4.23 -40.49 11.90
CA MET A 178 3.10 -39.97 12.66
C MET A 178 3.49 -39.64 14.09
N LEU A 179 4.27 -40.52 14.73
CA LEU A 179 4.72 -40.25 16.09
C LEU A 179 5.64 -39.02 16.13
N ILE A 180 6.53 -38.89 15.15
CA ILE A 180 7.41 -37.73 15.09
C ILE A 180 6.59 -36.45 14.94
N MET A 181 5.59 -36.48 14.06
CA MET A 181 4.75 -35.30 13.84
C MET A 181 3.98 -34.94 15.11
N CYS A 182 3.44 -35.95 15.81
CA CYS A 182 2.72 -35.68 17.04
C CYS A 182 3.63 -35.07 18.09
N THR A 183 4.85 -35.59 18.23
CA THR A 183 5.80 -35.03 19.19
C THR A 183 6.15 -33.60 18.83
N ILE A 184 6.38 -33.34 17.54
CA ILE A 184 6.73 -31.99 17.11
C ILE A 184 5.59 -31.02 17.38
N LEU A 185 4.35 -31.43 17.10
CA LEU A 185 3.21 -30.56 17.34
C LEU A 185 3.00 -30.31 18.83
N THR A 186 3.22 -31.32 19.66
CA THR A 186 3.15 -31.12 21.10
C THR A 186 4.20 -30.12 21.56
N ASN A 187 5.41 -30.23 21.02
CA ASN A 187 6.44 -29.24 21.35
C ASN A 187 6.03 -27.85 20.92
N CYS A 188 5.45 -27.72 19.72
CA CYS A 188 5.02 -26.41 19.23
C CYS A 188 3.96 -25.82 20.14
N VAL A 189 3.02 -26.64 20.60
CA VAL A 189 1.98 -26.16 21.51
C VAL A 189 2.59 -25.73 22.84
N PHE A 190 3.57 -26.51 23.34
CA PHE A 190 4.15 -26.20 24.64
C PHE A 190 5.05 -24.98 24.58
N MET A 191 5.61 -24.68 23.41
CA MET A 191 6.53 -23.55 23.27
C MET A 191 5.83 -22.20 23.30
N ALA A 192 4.52 -22.16 23.09
CA ALA A 192 3.78 -20.89 23.00
C ALA A 192 3.19 -20.51 24.35
N GLN A 193 3.99 -20.49 25.40
CA GLN A 193 3.42 -20.23 26.71
C GLN A 193 4.35 -19.33 27.46
N HIS A 194 3.88 -18.15 27.87
CA HIS A 194 4.77 -17.15 28.45
C HIS A 194 5.46 -17.38 29.76
N ASP A 195 4.77 -17.89 30.74
CA ASP A 195 5.39 -18.02 32.03
C ASP A 195 5.26 -19.50 32.17
N PRO A 196 6.20 -20.26 31.59
CA PRO A 196 5.95 -21.68 31.60
C PRO A 196 5.94 -22.20 32.98
N PRO A 197 5.07 -23.23 33.24
CA PRO A 197 5.00 -23.68 34.62
C PRO A 197 6.05 -24.72 34.91
N PRO A 198 6.44 -24.88 36.21
CA PRO A 198 7.55 -25.82 36.43
C PRO A 198 7.13 -27.28 36.46
N TRP A 199 5.97 -27.61 35.91
CA TRP A 199 5.58 -29.02 35.83
C TRP A 199 6.46 -29.67 34.78
N THR A 200 7.18 -28.84 34.03
CA THR A 200 8.02 -29.34 32.94
C THR A 200 9.26 -30.09 33.39
N LYS A 201 9.09 -31.21 34.09
CA LYS A 201 10.23 -32.04 34.42
C LYS A 201 10.17 -33.15 33.46
N TYR A 202 8.99 -33.37 32.93
CA TYR A 202 8.81 -34.51 32.07
C TYR A 202 8.91 -34.11 30.68
N VAL A 203 8.21 -33.05 30.31
CA VAL A 203 8.14 -32.74 28.92
C VAL A 203 9.41 -32.32 28.26
N GLU A 204 10.18 -31.47 28.86
CA GLU A 204 11.37 -31.04 28.17
C GLU A 204 12.17 -32.31 28.05
N TYR A 205 12.20 -33.10 29.10
CA TYR A 205 12.89 -34.38 29.04
C TYR A 205 12.28 -35.48 28.15
N THR A 206 10.97 -35.66 28.11
CA THR A 206 10.46 -36.70 27.24
C THR A 206 10.74 -36.39 25.80
N PHE A 207 10.62 -35.13 25.43
CA PHE A 207 10.85 -34.75 24.07
C PHE A 207 12.28 -35.11 23.85
N THR A 208 13.15 -34.66 24.69
CA THR A 208 14.57 -34.91 24.39
C THR A 208 14.81 -36.40 24.17
N ALA A 209 14.13 -37.26 24.94
CA ALA A 209 14.23 -38.69 24.72
C ALA A 209 13.76 -39.07 23.32
N ILE A 210 12.62 -38.50 22.89
CA ILE A 210 12.07 -38.87 21.59
C ILE A 210 12.99 -38.41 20.45
N TYR A 211 13.48 -37.19 20.53
CA TYR A 211 14.36 -36.68 19.46
C TYR A 211 15.72 -37.39 19.48
N THR A 212 16.19 -37.83 20.65
CA THR A 212 17.39 -38.65 20.67
C THR A 212 17.12 -40.02 20.06
N PHE A 213 15.94 -40.59 20.31
CA PHE A 213 15.61 -41.90 19.76
C PHE A 213 15.48 -41.86 18.25
N GLU A 214 14.92 -40.79 17.69
CA GLU A 214 14.81 -40.69 16.24
C GLU A 214 16.20 -40.69 15.59
N SER A 215 17.13 -39.90 16.16
CA SER A 215 18.48 -39.89 15.64
C SER A 215 19.17 -41.24 15.84
N LEU A 216 18.87 -41.92 16.95
CA LEU A 216 19.42 -43.25 17.16
C LEU A 216 18.95 -44.22 16.08
N VAL A 217 17.66 -44.18 15.75
CA VAL A 217 17.13 -45.04 14.68
C VAL A 217 17.84 -44.72 13.37
N LYS A 218 18.03 -43.43 13.09
CA LYS A 218 18.69 -43.09 11.83
C LYS A 218 20.14 -43.55 11.78
N ILE A 219 20.90 -43.35 12.87
CA ILE A 219 22.32 -43.66 12.84
C ILE A 219 22.55 -45.17 12.91
N LEU A 220 21.63 -45.90 13.53
CA LEU A 220 21.75 -47.36 13.54
C LEU A 220 21.54 -47.94 12.15
N ALA A 221 20.65 -47.34 11.36
CA ALA A 221 20.33 -47.88 10.04
C ALA A 221 21.27 -47.39 8.94
N ARG A 222 21.69 -46.12 8.99
CA ARG A 222 22.52 -45.57 7.92
C ARG A 222 23.66 -44.71 8.46
N GLY A 223 24.13 -44.99 9.67
CA GLY A 223 25.17 -44.16 10.26
C GLY A 223 26.56 -44.75 10.12
N PHE A 224 26.87 -45.75 10.94
CA PHE A 224 28.18 -46.41 10.88
C PHE A 224 29.33 -45.43 11.08
N CYS A 225 30.33 -45.47 10.21
CA CYS A 225 31.50 -44.61 10.35
C CYS A 225 31.85 -43.94 9.04
N LEU A 226 32.52 -42.80 9.11
CA LEU A 226 32.92 -42.06 7.90
C LEU A 226 31.77 -41.94 6.91
N HIS A 227 30.65 -41.38 7.37
CA HIS A 227 29.45 -41.36 6.52
C HIS A 227 29.27 -40.15 5.62
N ALA A 228 30.30 -39.79 4.88
CA ALA A 228 30.15 -38.70 3.93
C ALA A 228 29.11 -39.14 2.91
N PHE A 229 29.20 -40.39 2.48
CA PHE A 229 28.21 -40.94 1.55
C PHE A 229 26.79 -41.09 2.06
N THR A 230 26.60 -41.53 3.31
CA THR A 230 25.24 -41.80 3.80
C THR A 230 24.62 -40.78 4.75
N PHE A 231 24.57 -41.09 6.04
CA PHE A 231 23.92 -40.21 7.00
C PHE A 231 24.57 -38.84 7.13
N LEU A 232 23.80 -37.84 7.55
CA LEU A 232 24.33 -36.50 7.79
C LEU A 232 24.72 -35.83 6.48
N ARG A 233 24.76 -36.59 5.38
CA ARG A 233 25.02 -35.93 4.11
C ARG A 233 23.84 -35.07 3.68
N ASP A 234 22.63 -35.55 3.93
CA ASP A 234 21.43 -34.76 3.62
C ASP A 234 21.44 -33.52 4.50
N PRO A 235 21.24 -32.33 3.93
CA PRO A 235 21.39 -31.10 4.72
C PRO A 235 20.47 -31.02 5.92
N TRP A 236 19.28 -31.63 5.85
CA TRP A 236 18.30 -31.44 6.91
C TRP A 236 18.75 -32.09 8.22
N ASN A 237 19.42 -33.25 8.14
CA ASN A 237 19.82 -33.93 9.36
C ASN A 237 20.83 -33.15 10.17
N TRP A 238 21.40 -32.11 9.58
CA TRP A 238 22.31 -31.29 10.33
C TRP A 238 21.52 -30.65 11.41
N LEU A 239 20.32 -30.22 11.08
CA LEU A 239 19.45 -29.56 12.08
C LEU A 239 19.14 -30.50 13.20
N ASP A 240 18.94 -31.76 12.90
CA ASP A 240 18.61 -32.72 13.91
C ASP A 240 19.75 -32.95 14.90
N PHE A 241 20.95 -33.02 14.39
CA PHE A 241 22.05 -33.21 15.28
C PHE A 241 22.15 -31.97 16.10
N SER A 242 21.89 -30.84 15.48
CA SER A 242 22.06 -29.61 16.21
C SER A 242 21.13 -29.65 17.36
N VAL A 243 19.91 -30.07 17.11
CA VAL A 243 18.94 -30.06 18.14
C VAL A 243 19.40 -30.97 19.24
N ILE A 244 19.83 -32.18 18.93
CA ILE A 244 20.25 -32.99 20.06
C ILE A 244 21.42 -32.40 20.88
N ILE A 245 22.47 -31.87 20.23
CA ILE A 245 23.55 -31.34 21.06
C ILE A 245 23.11 -30.16 21.87
N MET A 246 22.35 -29.26 21.28
CA MET A 246 22.00 -28.07 22.03
C MET A 246 21.20 -28.53 23.19
N ALA A 247 20.32 -29.48 22.95
CA ALA A 247 19.47 -29.87 23.99
C ALA A 247 20.22 -30.38 25.14
N TYR A 248 21.08 -31.34 24.89
CA TYR A 248 21.71 -31.82 26.11
C TYR A 248 22.59 -30.82 26.82
N THR A 249 23.31 -30.02 26.03
CA THR A 249 24.21 -29.09 26.67
C THR A 249 23.41 -28.15 27.57
N THR A 250 22.33 -27.62 27.04
CA THR A 250 21.62 -26.71 27.86
C THR A 250 20.99 -27.39 29.07
N GLU A 251 20.41 -28.56 28.88
CA GLU A 251 19.72 -29.18 29.99
C GLU A 251 20.65 -29.60 31.09
N PHE A 252 21.95 -29.66 30.79
CA PHE A 252 22.92 -30.10 31.79
C PHE A 252 23.24 -29.16 32.94
N VAL A 253 23.77 -27.98 32.63
CA VAL A 253 24.00 -26.95 33.65
C VAL A 253 24.12 -25.60 32.96
N ASP A 254 23.95 -24.51 33.71
CA ASP A 254 24.10 -23.18 33.14
C ASP A 254 24.92 -22.31 34.09
N LEU A 255 26.09 -21.88 33.63
CA LEU A 255 27.01 -21.11 34.45
C LEU A 255 27.48 -19.89 33.68
N GLY A 256 26.97 -18.71 34.05
CA GLY A 256 27.44 -17.48 33.46
C GLY A 256 27.22 -17.38 31.96
N ASN A 257 26.05 -17.83 31.49
CA ASN A 257 25.72 -17.79 30.07
C ASN A 257 24.56 -16.82 29.87
N VAL A 258 24.10 -16.75 28.62
CA VAL A 258 22.98 -15.86 28.29
C VAL A 258 21.72 -16.28 29.03
N SER A 259 21.46 -17.59 29.08
CA SER A 259 20.32 -18.19 29.76
C SER A 259 19.01 -17.88 29.05
N ALA A 260 19.00 -17.09 27.99
CA ALA A 260 17.75 -16.95 27.24
C ALA A 260 17.99 -17.71 25.98
N LEU A 261 18.27 -18.99 26.10
CA LEU A 261 18.57 -19.84 24.97
C LEU A 261 17.35 -20.67 24.72
N ARG A 262 16.24 -20.31 25.35
CA ARG A 262 14.98 -21.01 25.12
C ARG A 262 14.60 -20.81 23.65
N THR A 263 15.01 -19.70 23.07
CA THR A 263 14.65 -19.38 21.69
C THR A 263 15.23 -20.37 20.75
N PHE A 264 16.21 -21.14 21.22
CA PHE A 264 16.85 -22.14 20.37
C PHE A 264 15.96 -23.35 20.17
N ARG A 265 14.97 -23.53 21.04
CA ARG A 265 14.07 -24.65 20.88
C ARG A 265 13.12 -24.41 19.77
N VAL A 266 12.92 -23.18 19.40
CA VAL A 266 11.97 -22.88 18.36
C VAL A 266 12.43 -23.59 17.12
N LEU A 267 13.72 -23.73 16.95
CA LEU A 267 14.23 -24.38 15.77
C LEU A 267 13.81 -25.83 15.64
N ARG A 268 13.47 -26.49 16.75
CA ARG A 268 12.98 -27.86 16.70
C ARG A 268 11.76 -27.97 15.86
N ALA A 269 10.99 -26.90 15.74
CA ALA A 269 9.74 -26.91 14.98
C ALA A 269 9.87 -26.65 13.51
N LEU A 270 11.08 -26.52 13.01
CA LEU A 270 11.26 -26.33 11.61
C LEU A 270 11.55 -27.68 11.13
N LYS A 271 11.47 -28.68 11.99
CA LYS A 271 11.64 -30.06 11.54
C LYS A 271 10.44 -30.64 10.81
N THR A 272 9.30 -29.97 10.89
CA THR A 272 8.11 -30.41 10.22
C THR A 272 8.37 -30.38 8.78
N ILE A 273 9.25 -29.53 8.34
CA ILE A 273 9.48 -29.35 6.94
C ILE A 273 9.91 -30.60 6.25
N SER A 274 10.74 -31.40 6.87
CA SER A 274 11.23 -32.57 6.16
C SER A 274 10.23 -33.72 6.23
N VAL A 275 9.53 -33.85 7.35
CA VAL A 275 8.48 -34.89 7.49
C VAL A 275 7.24 -34.76 6.55
N ILE A 276 6.36 -33.80 6.77
CA ILE A 276 5.26 -33.59 5.82
C ILE A 276 6.00 -33.46 4.50
N SER A 277 5.76 -34.37 3.56
CA SER A 277 6.55 -34.40 2.32
C SER A 277 6.48 -33.16 1.45
N GLY A 278 5.29 -32.58 1.31
CA GLY A 278 5.14 -31.42 0.46
C GLY A 278 5.96 -30.24 0.94
N LEU A 279 6.03 -30.06 2.25
CA LEU A 279 6.78 -28.93 2.80
C LEU A 279 8.23 -28.92 2.34
N LYS A 280 8.91 -30.06 2.42
CA LYS A 280 10.34 -30.07 2.08
C LYS A 280 10.63 -29.63 0.71
N THR A 281 9.87 -30.08 -0.26
CA THR A 281 10.10 -29.56 -1.56
C THR A 281 9.74 -28.10 -1.69
N ILE A 282 8.66 -27.62 -1.11
CA ILE A 282 8.38 -26.22 -1.30
C ILE A 282 9.47 -25.34 -0.68
N VAL A 283 9.95 -25.64 0.52
CA VAL A 283 10.92 -24.82 1.18
C VAL A 283 12.14 -25.09 0.45
N GLY A 284 12.12 -26.04 -0.43
CA GLY A 284 13.28 -26.19 -1.25
C GLY A 284 13.21 -25.22 -2.39
N ALA A 285 12.04 -24.98 -2.92
CA ALA A 285 11.95 -24.14 -4.08
C ALA A 285 11.72 -22.65 -3.76
N LEU A 286 11.22 -22.31 -2.59
CA LEU A 286 11.10 -20.92 -2.20
C LEU A 286 12.53 -20.46 -2.12
N ILE A 287 13.41 -21.28 -1.61
CA ILE A 287 14.83 -20.96 -1.62
C ILE A 287 15.47 -20.80 -3.01
N GLN A 288 15.15 -21.64 -3.97
CA GLN A 288 15.69 -21.41 -5.30
C GLN A 288 15.11 -20.21 -5.98
N SER A 289 13.94 -19.75 -5.58
CA SER A 289 13.40 -18.50 -6.16
C SER A 289 14.26 -17.31 -5.88
N VAL A 290 14.74 -17.24 -4.67
CA VAL A 290 15.46 -16.10 -4.32
C VAL A 290 16.63 -16.05 -5.22
N LYS A 291 17.24 -17.15 -5.53
CA LYS A 291 18.47 -17.04 -6.30
C LYS A 291 18.25 -16.33 -7.60
N LYS A 292 17.03 -16.30 -8.09
CA LYS A 292 16.85 -15.55 -9.32
C LYS A 292 16.69 -14.04 -9.13
N LEU A 293 16.18 -13.60 -8.00
CA LEU A 293 16.10 -12.19 -7.74
C LEU A 293 17.45 -11.79 -7.25
N ALA A 294 18.42 -11.64 -8.15
CA ALA A 294 19.76 -11.22 -7.77
C ALA A 294 20.05 -9.83 -8.14
N ASP A 295 19.88 -9.50 -9.40
CA ASP A 295 20.14 -8.16 -9.91
C ASP A 295 19.19 -7.28 -9.26
N VAL A 296 17.98 -7.71 -9.16
CA VAL A 296 17.02 -6.82 -8.64
C VAL A 296 17.46 -6.47 -7.27
N MET A 297 17.95 -7.41 -6.50
CA MET A 297 18.39 -6.97 -5.21
C MET A 297 19.58 -6.05 -5.26
N VAL A 298 20.55 -6.22 -6.12
CA VAL A 298 21.62 -5.24 -6.23
C VAL A 298 21.21 -3.88 -6.77
N LEU A 299 20.32 -3.78 -7.76
CA LEU A 299 19.80 -2.48 -8.20
C LEU A 299 19.04 -1.91 -7.07
N THR A 300 18.25 -2.69 -6.37
CA THR A 300 17.60 -2.11 -5.21
C THR A 300 18.59 -1.42 -4.30
N VAL A 301 19.71 -2.07 -3.99
CA VAL A 301 20.72 -1.48 -3.12
C VAL A 301 21.33 -0.24 -3.77
N PHE A 302 21.63 -0.32 -5.08
CA PHE A 302 22.23 0.80 -5.77
C PHE A 302 21.31 2.03 -5.74
N CYS A 303 20.04 1.83 -6.12
CA CYS A 303 19.10 2.95 -6.16
C CYS A 303 18.82 3.48 -4.77
N LEU A 304 18.70 2.59 -3.78
CA LEU A 304 18.48 3.04 -2.41
C LEU A 304 19.65 3.88 -1.92
N SER A 305 20.88 3.45 -2.22
CA SER A 305 22.05 4.23 -1.81
C SER A 305 22.10 5.58 -2.51
N VAL A 306 21.78 5.62 -3.81
CA VAL A 306 21.81 6.88 -4.54
C VAL A 306 20.79 7.85 -3.95
N PHE A 307 19.55 7.39 -3.78
CA PHE A 307 18.53 8.27 -3.21
C PHE A 307 18.82 8.61 -1.76
N ALA A 308 19.48 7.73 -1.01
CA ALA A 308 19.87 8.05 0.35
C ALA A 308 20.90 9.17 0.38
N LEU A 309 21.87 9.13 -0.55
CA LEU A 309 22.85 10.20 -0.63
C LEU A 309 22.17 11.53 -1.01
N ILE A 310 21.24 11.48 -1.97
CA ILE A 310 20.55 12.70 -2.38
C ILE A 310 19.75 13.27 -1.21
N GLY A 311 19.02 12.42 -0.48
CA GLY A 311 18.28 12.88 0.67
C GLY A 311 19.18 13.40 1.78
N LEU A 312 20.34 12.76 1.95
CA LEU A 312 21.31 13.21 2.94
C LEU A 312 21.79 14.63 2.63
N GLN A 313 22.12 14.88 1.37
CA GLN A 313 22.61 16.21 1.00
C GLN A 313 21.48 17.25 1.08
N LEU A 314 20.27 16.87 0.66
CA LEU A 314 19.18 17.86 0.62
C LEU A 314 18.64 18.18 2.01
N PHE A 315 18.55 17.19 2.89
CA PHE A 315 17.91 17.37 4.20
C PHE A 315 18.89 17.07 5.33
N MET A 316 20.15 17.44 5.16
CA MET A 316 21.17 17.19 6.18
C MET A 316 20.79 17.95 7.45
N GLY A 317 20.43 17.21 8.49
CA GLY A 317 20.02 17.83 9.73
C GLY A 317 18.79 18.70 9.62
N ASN A 318 17.99 18.54 8.58
CA ASN A 318 16.83 19.38 8.32
C ASN A 318 15.57 18.86 9.00
N LEU A 319 15.67 17.76 9.74
CA LEU A 319 14.54 17.20 10.48
C LEU A 319 14.53 17.58 11.94
N ARG A 320 15.41 18.43 12.37
CA ARG A 320 15.48 18.71 13.77
C ARG A 320 14.85 19.98 14.09
N HIS A 321 14.55 20.80 13.09
CA HIS A 321 14.03 22.14 13.30
C HIS A 321 12.82 22.08 14.23
N LYS A 322 12.79 23.00 15.20
CA LYS A 322 11.71 23.03 16.18
C LYS A 322 11.38 24.47 16.53
N CYS A 323 10.13 24.70 16.78
CA CYS A 323 9.71 25.99 17.14
C CYS A 323 9.94 26.15 18.59
N VAL A 324 10.87 27.01 19.01
CA VAL A 324 11.18 27.12 20.37
C VAL A 324 10.88 28.45 20.89
N ARG A 325 10.57 28.51 22.15
CA ARG A 325 10.21 29.74 22.74
C ARG A 325 11.30 30.74 22.71
N ASN A 326 11.01 32.00 22.46
CA ASN A 326 11.97 33.06 22.40
C ASN A 326 12.89 33.21 23.57
N PHE A 327 14.15 33.59 23.31
CA PHE A 327 15.13 33.80 24.36
C PHE A 327 15.75 35.16 24.31
N THR A 328 16.33 35.61 25.40
CA THR A 328 17.03 36.88 25.44
C THR A 328 18.28 36.49 26.11
N ALA A 329 19.36 37.24 25.96
CA ALA A 329 20.66 36.94 26.62
C ALA A 329 21.02 37.48 28.05
N LEU A 330 20.23 38.38 28.65
CA LEU A 330 20.47 38.86 30.02
C LEU A 330 21.65 39.81 30.37
N ASN A 331 22.86 39.57 29.88
CA ASN A 331 24.05 40.40 30.19
C ASN A 331 24.27 40.80 31.63
N GLY A 332 24.22 39.82 32.53
CA GLY A 332 24.46 40.07 33.94
C GLY A 332 25.16 38.84 34.47
N THR A 333 25.36 37.86 33.59
CA THR A 333 26.04 36.62 33.99
C THR A 333 27.15 36.32 32.99
N ASN A 334 28.16 35.55 33.38
CA ASN A 334 29.32 35.31 32.54
C ASN A 334 29.14 34.59 31.18
N GLY A 335 28.34 33.53 31.12
CA GLY A 335 28.18 32.78 29.87
C GLY A 335 26.88 33.08 29.16
N SER A 336 26.51 32.32 28.13
CA SER A 336 25.21 32.54 27.53
C SER A 336 24.09 32.23 28.51
N VAL A 337 23.33 33.23 28.94
CA VAL A 337 22.19 32.98 29.84
C VAL A 337 20.89 33.47 29.21
N GLU A 338 19.78 32.76 29.40
CA GLU A 338 18.52 33.12 28.78
C GLU A 338 17.32 33.16 29.73
N ALA A 339 16.20 33.75 29.32
CA ALA A 339 15.03 33.87 30.20
C ALA A 339 13.66 33.78 29.51
N ASP A 340 12.65 33.33 30.25
CA ASP A 340 11.30 33.19 29.70
C ASP A 340 10.45 32.94 30.92
N GLY A 341 10.62 33.77 31.95
CA GLY A 341 9.90 33.56 33.20
C GLY A 341 10.73 32.67 34.11
N LEU A 342 11.82 32.15 33.58
CA LEU A 342 12.70 31.28 34.35
C LEU A 342 14.08 31.42 33.73
N VAL A 343 15.06 31.82 34.52
CA VAL A 343 16.41 31.97 33.99
C VAL A 343 16.98 30.60 33.67
N TRP A 344 17.49 30.37 32.49
CA TRP A 344 18.10 29.05 32.25
C TRP A 344 19.53 29.21 31.83
N GLU A 345 20.47 28.73 32.61
CA GLU A 345 21.90 28.82 32.37
C GLU A 345 22.16 28.09 31.08
N SER A 346 23.10 28.56 30.27
CA SER A 346 23.47 27.89 29.00
C SER A 346 22.39 27.80 27.90
N LEU A 347 22.77 28.15 26.68
CA LEU A 347 21.84 28.07 25.57
C LEU A 347 21.54 26.64 25.43
N ASP A 348 22.53 25.80 25.43
CA ASP A 348 22.23 24.41 25.19
C ASP A 348 21.55 23.70 26.32
N LEU A 349 21.56 24.25 27.52
CA LEU A 349 20.79 23.64 28.54
C LEU A 349 19.39 23.94 28.10
N TYR A 350 19.08 25.16 27.63
CA TYR A 350 17.74 25.55 27.12
C TYR A 350 17.26 25.00 25.81
N LEU A 351 18.08 25.01 24.78
CA LEU A 351 17.60 24.60 23.50
C LEU A 351 17.32 23.19 23.66
N SER A 352 17.86 22.55 24.68
CA SER A 352 17.47 21.19 24.99
C SER A 352 16.24 20.89 25.81
N ASP A 353 15.90 21.66 26.82
CA ASP A 353 14.81 21.31 27.71
C ASP A 353 13.59 21.25 26.90
N PRO A 354 12.64 20.40 27.26
CA PRO A 354 11.51 20.27 26.37
C PRO A 354 10.25 20.94 26.81
N GLU A 355 10.31 21.94 27.66
CA GLU A 355 9.14 22.68 28.03
C GLU A 355 9.31 23.91 27.26
N ASN A 356 10.20 23.88 26.31
CA ASN A 356 10.44 25.01 25.45
C ASN A 356 10.23 24.62 24.04
N TYR A 357 9.34 23.71 23.75
CA TYR A 357 9.06 23.42 22.39
C TYR A 357 7.54 23.45 22.34
N LEU A 358 6.91 23.53 21.19
CA LEU A 358 5.46 23.68 21.12
C LEU A 358 4.81 22.51 20.55
N LEU A 359 3.75 22.05 21.18
CA LEU A 359 3.08 20.85 20.75
C LEU A 359 2.14 21.04 19.56
N LYS A 360 2.25 20.27 18.50
CA LYS A 360 1.44 20.48 17.35
C LYS A 360 0.08 20.24 17.78
N ASN A 361 -0.89 21.01 17.28
CA ASN A 361 -2.28 20.90 17.74
C ASN A 361 -2.82 19.54 17.48
N GLY A 362 -3.49 18.96 18.46
CA GLY A 362 -3.94 17.58 18.32
C GLY A 362 -2.94 16.46 18.57
N THR A 363 -1.83 16.43 17.85
CA THR A 363 -0.80 15.42 18.02
C THR A 363 -0.01 15.78 19.21
N SER A 364 0.89 14.92 19.62
CA SER A 364 1.63 15.15 20.79
C SER A 364 3.02 15.43 20.41
N ASP A 365 3.24 15.69 19.16
CA ASP A 365 4.54 15.95 18.69
C ASP A 365 4.98 17.37 18.97
N VAL A 366 6.06 17.78 18.35
CA VAL A 366 6.59 19.09 18.59
C VAL A 366 6.62 19.63 17.21
N LEU A 367 6.38 20.92 16.98
CA LEU A 367 6.26 21.41 15.64
C LEU A 367 7.53 21.40 14.93
N LEU A 368 7.50 21.19 13.61
CA LEU A 368 8.73 21.26 12.80
C LEU A 368 8.62 22.51 11.95
N CYS A 369 9.61 23.40 12.08
CA CYS A 369 9.47 24.68 11.41
C CYS A 369 10.63 25.25 10.67
N GLY A 370 10.59 25.15 9.36
CA GLY A 370 11.62 25.78 8.52
C GLY A 370 11.58 27.30 8.33
N ASN A 371 12.67 27.94 7.90
CA ASN A 371 12.74 29.40 7.77
C ASN A 371 12.41 29.82 6.38
N SER A 372 12.32 28.88 5.46
CA SER A 372 12.10 29.23 4.06
C SER A 372 10.70 29.68 3.84
N SER A 373 10.42 30.40 2.78
CA SER A 373 9.10 30.96 2.64
C SER A 373 8.06 29.92 2.53
N ASP A 374 8.40 28.83 1.81
CA ASP A 374 7.50 27.69 1.59
C ASP A 374 7.55 26.69 2.67
N ALA A 375 7.32 27.04 3.92
CA ALA A 375 7.48 26.07 4.94
C ALA A 375 6.79 26.51 6.08
N GLY A 376 6.81 25.71 7.07
CA GLY A 376 6.00 26.00 8.18
C GLY A 376 6.39 27.26 8.77
N THR A 377 5.44 27.92 9.37
CA THR A 377 5.70 29.17 9.97
C THR A 377 5.36 28.96 11.35
N CYS A 378 6.05 29.68 12.15
CA CYS A 378 5.87 29.48 13.50
C CYS A 378 4.88 30.43 14.14
N PRO A 379 4.36 30.10 15.31
CA PRO A 379 3.45 30.99 15.92
C PRO A 379 4.12 32.24 16.29
N GLU A 380 3.38 33.19 16.83
CA GLU A 380 3.94 34.50 17.13
C GLU A 380 5.06 34.60 18.14
N GLY A 381 4.97 33.90 19.26
CA GLY A 381 5.97 34.04 20.29
C GLY A 381 7.04 33.01 20.16
N TYR A 382 7.18 32.37 18.99
CA TYR A 382 8.12 31.29 18.79
C TYR A 382 9.06 31.48 17.63
N ARG A 383 10.32 31.21 17.84
CA ARG A 383 11.34 31.42 16.86
C ARG A 383 11.64 30.06 16.44
N CYS A 384 12.04 29.84 15.23
CA CYS A 384 12.13 28.50 14.79
C CYS A 384 13.45 28.09 14.53
N LEU A 385 14.00 27.22 15.36
CA LEU A 385 15.42 26.96 15.16
C LEU A 385 15.68 25.48 14.98
N LYS A 386 16.98 25.11 15.14
CA LYS A 386 17.46 23.69 15.04
C LYS A 386 18.08 23.02 16.25
N ALA A 387 17.34 22.82 17.32
CA ALA A 387 17.91 22.20 18.44
C ALA A 387 17.06 21.22 19.17
N GLY A 388 17.56 20.01 19.41
CA GLY A 388 16.83 19.02 20.15
C GLY A 388 17.00 17.65 19.59
N GLU A 389 16.11 16.72 19.90
CA GLU A 389 16.24 15.34 19.47
C GLU A 389 15.27 14.86 18.43
N ASN A 390 15.78 14.34 17.33
CA ASN A 390 14.92 13.98 16.26
C ASN A 390 13.48 13.33 16.50
N PRO A 391 12.46 13.70 15.68
CA PRO A 391 11.13 13.11 15.92
C PRO A 391 11.07 11.60 15.97
N ASP A 392 10.00 11.06 16.54
CA ASP A 392 9.85 9.62 16.68
C ASP A 392 11.07 8.99 17.36
N HIS A 393 11.52 9.64 18.43
CA HIS A 393 12.55 9.14 19.34
C HIS A 393 13.94 9.16 18.71
N GLY A 394 14.04 9.47 17.42
CA GLY A 394 15.34 9.65 16.82
C GLY A 394 15.68 8.74 15.65
N TYR A 395 14.68 8.03 15.11
CA TYR A 395 14.94 7.06 14.06
C TYR A 395 14.57 7.56 12.67
N THR A 396 14.21 8.84 12.51
CA THR A 396 13.71 9.30 11.21
C THR A 396 14.67 10.27 10.53
N SER A 397 15.54 10.91 11.30
CA SER A 397 16.35 12.00 10.77
C SER A 397 17.26 11.51 9.64
N PHE A 398 17.59 12.43 8.74
CA PHE A 398 18.49 12.18 7.62
C PHE A 398 19.93 12.52 7.94
N ASP A 399 20.32 12.49 9.21
CA ASP A 399 21.66 12.93 9.59
C ASP A 399 22.73 11.97 9.11
N SER A 400 22.54 10.67 9.33
CA SER A 400 23.55 9.67 9.03
C SER A 400 23.09 8.79 7.88
N PHE A 401 24.05 8.15 7.21
CA PHE A 401 23.73 7.31 6.07
C PHE A 401 22.85 6.12 6.45
N ALA A 402 23.05 5.54 7.63
CA ALA A 402 22.17 4.47 8.07
C ALA A 402 20.75 4.99 8.29
N TRP A 403 20.62 6.16 8.90
CA TRP A 403 19.33 6.78 9.14
C TRP A 403 18.73 7.38 7.87
N ALA A 404 19.54 7.60 6.83
CA ALA A 404 19.04 8.04 5.54
C ALA A 404 18.78 6.86 4.62
N PHE A 405 19.20 5.67 5.02
CA PHE A 405 18.88 4.44 4.32
C PHE A 405 17.63 3.75 4.85
N LEU A 406 17.47 3.65 6.17
CA LEU A 406 16.23 3.11 6.73
C LEU A 406 15.03 3.99 6.40
N ALA A 407 15.19 5.31 6.57
CA ALA A 407 14.10 6.26 6.36
C ALA A 407 13.75 6.43 4.89
N LEU A 408 14.53 5.86 3.97
CA LEU A 408 14.20 5.89 2.56
C LEU A 408 13.81 4.51 2.03
N PHE A 409 14.24 3.44 2.71
CA PHE A 409 13.69 2.12 2.49
C PHE A 409 12.24 2.01 2.95
N ARG A 410 11.87 2.70 4.04
CA ARG A 410 10.46 2.79 4.38
C ARG A 410 9.66 3.48 3.27
N LEU A 411 10.32 4.32 2.48
CA LEU A 411 9.65 4.94 1.33
C LEU A 411 9.54 3.95 0.18
N MET A 412 10.51 3.05 0.04
CA MET A 412 10.39 1.97 -0.94
C MET A 412 9.21 1.07 -0.60
N THR A 413 9.08 0.68 0.66
CA THR A 413 7.98 -0.19 1.06
C THR A 413 6.68 0.55 1.35
N GLN A 414 6.69 1.89 1.23
CA GLN A 414 5.50 2.71 1.41
C GLN A 414 4.86 2.47 2.77
N ASP A 415 5.68 2.39 3.81
CA ASP A 415 5.20 2.23 5.17
C ASP A 415 5.17 3.58 5.86
N CYS A 416 3.96 4.13 6.03
CA CYS A 416 3.76 5.37 6.77
C CYS A 416 4.59 6.50 6.17
N TRP A 417 4.80 6.45 4.86
CA TRP A 417 5.56 7.51 4.18
C TRP A 417 4.84 8.85 4.20
N GLU A 418 3.59 8.88 4.60
CA GLU A 418 2.87 10.11 4.66
C GLU A 418 3.32 10.91 5.78
N ARG A 419 3.67 10.33 6.91
CA ARG A 419 4.20 11.06 8.06
C ARG A 419 5.53 11.73 7.72
N LEU A 420 6.45 10.98 7.12
CA LEU A 420 7.73 11.55 6.72
C LEU A 420 7.55 12.62 5.65
N TYR A 421 6.66 12.44 4.70
CA TYR A 421 6.42 13.47 3.68
C TYR A 421 5.98 14.79 4.30
N GLN A 422 5.02 14.74 5.19
CA GLN A 422 4.51 15.84 5.87
C GLN A 422 5.46 16.51 6.77
N GLN A 423 6.26 15.81 7.53
CA GLN A 423 7.35 16.40 8.34
C GLN A 423 8.53 16.86 7.52
N THR A 424 8.93 16.16 6.49
CA THR A 424 10.00 16.67 5.75
C THR A 424 9.71 17.96 5.13
N LEU A 425 8.59 18.12 4.43
CA LEU A 425 8.16 19.36 3.76
C LEU A 425 7.86 20.45 4.73
N ARG A 426 7.35 20.17 5.88
CA ARG A 426 7.01 21.20 6.77
C ARG A 426 8.26 21.73 7.28
N SER A 427 9.43 21.20 6.95
CA SER A 427 10.67 21.83 7.43
C SER A 427 11.55 22.30 6.40
N ALA A 428 11.61 21.62 5.30
CA ALA A 428 12.38 22.07 4.21
C ALA A 428 11.71 22.82 3.11
N GLY A 429 10.37 22.82 3.04
CA GLY A 429 9.58 23.49 1.97
C GLY A 429 8.73 22.74 0.96
N LYS A 430 7.63 23.29 0.46
CA LYS A 430 6.76 22.56 -0.43
C LYS A 430 7.29 22.24 -1.80
N ILE A 431 8.25 22.95 -2.31
CA ILE A 431 8.90 22.63 -3.57
C ILE A 431 9.65 21.31 -3.49
N TYR A 432 10.03 20.88 -2.28
CA TYR A 432 10.84 19.68 -2.11
C TYR A 432 9.99 18.42 -2.24
N MET A 433 8.73 18.56 -2.63
CA MET A 433 7.88 17.42 -2.91
C MET A 433 8.25 16.74 -4.22
N ILE A 434 9.05 17.39 -5.06
CA ILE A 434 9.55 16.73 -6.27
C ILE A 434 10.44 15.56 -5.91
N PHE A 435 11.22 15.67 -4.84
CA PHE A 435 12.03 14.54 -4.40
C PHE A 435 11.15 13.36 -4.01
N PHE A 436 10.06 13.58 -3.31
CA PHE A 436 9.23 12.49 -2.88
C PHE A 436 8.62 11.86 -4.06
N MET A 437 8.19 12.62 -5.01
CA MET A 437 7.54 12.06 -6.14
C MET A 437 8.47 11.21 -6.82
N LEU A 438 9.69 11.63 -6.87
CA LEU A 438 10.69 10.82 -7.48
C LEU A 438 10.96 9.52 -6.76
N VAL A 439 10.99 9.52 -5.44
CA VAL A 439 11.13 8.26 -4.75
C VAL A 439 9.91 7.38 -4.98
N ILE A 440 8.69 7.89 -4.85
CA ILE A 440 7.52 7.08 -4.99
C ILE A 440 7.37 6.55 -6.37
N PHE A 441 7.58 7.28 -7.42
CA PHE A 441 7.54 6.68 -8.75
C PHE A 441 8.67 5.82 -9.08
N LEU A 442 9.89 6.22 -8.81
CA LEU A 442 11.02 5.43 -9.24
C LEU A 442 11.19 4.19 -8.51
N GLY A 443 10.99 4.22 -7.23
CA GLY A 443 11.26 3.04 -6.49
C GLY A 443 10.06 2.25 -6.13
N SER A 444 9.08 2.86 -5.51
CA SER A 444 7.95 2.10 -5.06
C SER A 444 7.30 1.53 -6.22
N PHE A 445 7.42 2.12 -7.36
CA PHE A 445 6.75 1.49 -8.42
C PHE A 445 7.63 0.72 -9.30
N TYR A 446 8.63 1.28 -9.90
CA TYR A 446 9.40 0.47 -10.76
C TYR A 446 10.13 -0.58 -10.04
N LEU A 447 10.68 -0.30 -8.88
CA LEU A 447 11.37 -1.42 -8.20
C LEU A 447 10.52 -2.57 -7.65
N VAL A 448 9.61 -2.27 -6.75
CA VAL A 448 8.73 -3.30 -6.28
C VAL A 448 8.31 -4.09 -7.50
N ASN A 449 7.94 -3.48 -8.58
CA ASN A 449 7.55 -4.29 -9.70
C ASN A 449 8.61 -4.99 -10.43
N LEU A 450 9.82 -4.55 -10.38
CA LEU A 450 10.80 -5.35 -11.04
C LEU A 450 10.92 -6.66 -10.30
N ILE A 451 10.85 -6.65 -8.97
CA ILE A 451 10.85 -7.87 -8.20
C ILE A 451 9.65 -8.76 -8.46
N LEU A 452 8.45 -8.25 -8.52
CA LEU A 452 7.33 -9.14 -8.69
C LEU A 452 7.45 -9.78 -9.97
N ALA A 453 7.89 -9.11 -10.98
CA ALA A 453 8.11 -9.77 -12.23
C ALA A 453 9.16 -10.84 -12.21
N VAL A 454 10.28 -10.63 -11.54
CA VAL A 454 11.26 -11.70 -11.41
C VAL A 454 10.76 -12.87 -10.59
N VAL A 455 10.02 -12.66 -9.51
CA VAL A 455 9.46 -13.77 -8.74
C VAL A 455 8.53 -14.53 -9.66
N ALA A 456 7.73 -13.87 -10.46
CA ALA A 456 6.85 -14.50 -11.41
C ALA A 456 7.49 -15.18 -12.52
N MET A 457 8.62 -14.65 -13.01
CA MET A 457 9.28 -15.24 -14.17
C MET A 457 9.67 -16.64 -13.80
N ALA A 458 10.07 -16.81 -12.55
CA ALA A 458 10.46 -18.10 -12.05
C ALA A 458 9.39 -19.09 -11.77
N TYR A 459 8.31 -18.66 -11.16
CA TYR A 459 7.30 -19.61 -10.78
C TYR A 459 6.87 -20.24 -12.08
N GLU A 460 6.72 -19.46 -13.10
CA GLU A 460 6.26 -20.04 -14.30
C GLU A 460 7.28 -20.98 -14.78
N GLU A 461 8.54 -20.63 -14.71
CA GLU A 461 9.53 -21.53 -15.28
C GLU A 461 9.58 -22.88 -14.61
N GLN A 462 9.57 -22.95 -13.29
CA GLN A 462 9.58 -24.23 -12.67
C GLN A 462 8.33 -25.05 -12.99
N ASN A 463 7.15 -24.45 -12.95
CA ASN A 463 5.93 -25.16 -13.28
C ASN A 463 5.91 -25.59 -14.69
N GLN A 464 6.38 -24.76 -15.61
CA GLN A 464 6.47 -25.20 -16.98
C GLN A 464 7.43 -26.37 -17.19
N ALA A 465 8.58 -26.36 -16.56
CA ALA A 465 9.46 -27.50 -16.66
C ALA A 465 8.83 -28.70 -16.01
N THR A 466 8.22 -28.51 -14.84
CA THR A 466 7.59 -29.63 -14.11
C THR A 466 6.38 -30.23 -14.74
N ILE A 467 5.51 -29.41 -15.27
CA ILE A 467 4.39 -29.95 -15.97
C ILE A 467 4.88 -30.68 -17.21
N ALA A 468 5.86 -30.11 -17.91
CA ALA A 468 6.37 -30.73 -19.13
C ALA A 468 6.99 -32.01 -18.79
N GLU A 469 7.79 -32.02 -17.72
CA GLU A 469 8.42 -33.26 -17.27
C GLU A 469 7.42 -34.27 -16.70
N THR A 470 6.25 -33.80 -16.27
CA THR A 470 5.20 -34.75 -15.81
C THR A 470 4.58 -35.47 -16.98
N GLU A 471 4.39 -34.76 -18.08
CA GLU A 471 3.89 -35.38 -19.30
C GLU A 471 4.93 -36.40 -19.66
N GLU A 472 6.19 -36.06 -19.45
CA GLU A 472 7.27 -37.00 -19.73
C GLU A 472 7.56 -37.89 -18.53
N CYS A 742 -45.49 -49.14 -0.29
CA CYS A 742 -44.89 -48.16 -1.10
C CYS A 742 -45.16 -48.54 -2.51
N CYS A 743 -45.12 -49.82 -2.78
CA CYS A 743 -45.21 -50.23 -4.16
C CYS A 743 -46.40 -49.79 -4.95
N PRO A 744 -47.62 -49.86 -4.40
CA PRO A 744 -48.70 -49.32 -5.24
C PRO A 744 -48.65 -47.81 -5.50
N LEU A 745 -48.32 -47.00 -4.51
CA LEU A 745 -48.40 -45.55 -4.71
C LEU A 745 -47.21 -44.69 -4.40
N TRP A 746 -46.12 -45.28 -3.92
CA TRP A 746 -44.98 -44.48 -3.53
C TRP A 746 -44.71 -43.88 -4.81
N MET A 747 -44.75 -44.70 -5.83
CA MET A 747 -44.42 -44.24 -7.16
C MET A 747 -45.26 -43.23 -7.90
N SER A 748 -46.57 -43.34 -7.90
CA SER A 748 -47.33 -42.43 -8.73
C SER A 748 -47.04 -41.03 -8.32
N ILE A 749 -46.98 -40.83 -7.02
CA ILE A 749 -46.61 -39.52 -6.54
C ILE A 749 -45.11 -39.34 -6.37
N LYS A 750 -44.36 -40.41 -6.30
CA LYS A 750 -42.94 -40.21 -6.25
C LYS A 750 -42.67 -39.69 -7.61
N GLN A 751 -43.45 -40.11 -8.56
CA GLN A 751 -43.17 -39.71 -9.89
C GLN A 751 -43.35 -38.27 -9.78
N GLY A 752 -44.39 -37.87 -9.10
CA GLY A 752 -44.73 -36.47 -8.96
C GLY A 752 -43.65 -35.67 -8.28
N VAL A 753 -42.96 -36.22 -7.27
CA VAL A 753 -42.00 -35.41 -6.54
C VAL A 753 -40.91 -34.91 -7.45
N LYS A 754 -40.39 -35.76 -8.31
CA LYS A 754 -39.39 -35.33 -9.26
C LYS A 754 -40.00 -34.38 -10.24
N LEU A 755 -41.25 -34.58 -10.56
CA LEU A 755 -41.80 -33.77 -11.60
C LEU A 755 -41.75 -32.31 -11.24
N VAL A 756 -42.08 -31.94 -10.02
CA VAL A 756 -41.92 -30.53 -9.60
C VAL A 756 -40.45 -30.09 -9.47
N VAL A 757 -39.58 -30.96 -8.97
CA VAL A 757 -38.21 -30.61 -8.70
C VAL A 757 -37.40 -30.19 -9.89
N MET A 758 -37.56 -30.83 -11.02
CA MET A 758 -36.67 -30.47 -12.12
C MET A 758 -37.06 -29.33 -13.03
N ASP A 759 -38.24 -28.81 -12.89
CA ASP A 759 -38.79 -27.78 -13.76
C ASP A 759 -37.82 -26.61 -13.86
N PRO A 760 -37.63 -26.04 -15.05
CA PRO A 760 -36.72 -24.88 -15.19
C PRO A 760 -37.14 -23.69 -14.34
N PHE A 761 -38.45 -23.55 -14.23
CA PHE A 761 -38.98 -22.51 -13.41
C PHE A 761 -38.85 -22.87 -11.95
N THR A 762 -38.69 -24.15 -11.62
CA THR A 762 -38.44 -24.46 -10.24
C THR A 762 -37.12 -23.82 -9.90
N ASP A 763 -36.16 -23.84 -10.81
CA ASP A 763 -34.90 -23.14 -10.55
C ASP A 763 -35.01 -21.63 -10.37
N LEU A 764 -35.83 -20.95 -11.16
CA LEU A 764 -35.98 -19.54 -10.99
C LEU A 764 -36.52 -19.18 -9.66
N THR A 765 -37.47 -19.92 -9.11
CA THR A 765 -38.08 -19.49 -7.85
C THR A 765 -37.03 -19.51 -6.84
N ILE A 766 -36.21 -20.53 -6.92
CA ILE A 766 -35.13 -20.64 -6.00
C ILE A 766 -34.05 -19.58 -6.07
N THR A 767 -33.57 -19.25 -7.23
CA THR A 767 -32.50 -18.30 -7.26
C THR A 767 -33.06 -17.07 -6.68
N MET A 768 -34.26 -16.73 -7.08
CA MET A 768 -34.78 -15.49 -6.61
C MET A 768 -34.99 -15.47 -5.13
N CYS A 769 -35.44 -16.54 -4.52
CA CYS A 769 -35.70 -16.45 -3.11
C CYS A 769 -34.42 -16.21 -2.40
N ILE A 770 -33.30 -16.68 -2.95
CA ILE A 770 -32.01 -16.37 -2.33
C ILE A 770 -31.79 -14.86 -2.32
N VAL A 771 -32.06 -14.18 -3.42
CA VAL A 771 -31.78 -12.78 -3.51
C VAL A 771 -32.55 -12.01 -2.49
N LEU A 772 -33.78 -12.36 -2.28
CA LEU A 772 -34.60 -11.68 -1.28
C LEU A 772 -34.07 -11.89 0.09
N ASN A 773 -33.55 -13.05 0.40
CA ASN A 773 -33.11 -13.18 1.76
C ASN A 773 -31.97 -12.25 2.05
N THR A 774 -31.01 -12.12 1.14
CA THR A 774 -29.84 -11.31 1.42
C THR A 774 -30.32 -9.94 1.63
N LEU A 775 -31.21 -9.47 0.78
CA LEU A 775 -31.75 -8.14 0.88
C LEU A 775 -32.53 -7.99 2.15
N PHE A 776 -33.23 -9.02 2.57
CA PHE A 776 -34.09 -8.90 3.75
C PHE A 776 -33.16 -8.77 4.91
N MET A 777 -32.03 -9.46 4.84
CA MET A 777 -31.09 -9.48 5.91
C MET A 777 -30.35 -8.20 6.04
N ALA A 778 -29.96 -7.63 4.92
CA ALA A 778 -29.24 -6.41 4.92
C ALA A 778 -30.19 -5.35 5.06
N LEU A 779 -30.86 -5.30 6.18
CA LEU A 779 -31.76 -4.22 6.43
C LEU A 779 -31.74 -4.09 7.89
N GLU A 780 -30.81 -4.78 8.52
CA GLU A 780 -30.58 -4.46 9.91
C GLU A 780 -29.74 -3.19 10.02
N HIS A 781 -30.08 -2.47 11.09
CA HIS A 781 -29.39 -1.26 11.31
C HIS A 781 -29.34 -0.98 12.82
N TYR A 782 -28.72 0.11 13.21
CA TYR A 782 -28.56 0.45 14.60
C TYR A 782 -29.75 0.72 15.46
N ASN A 783 -30.72 1.47 15.00
CA ASN A 783 -31.80 1.81 15.88
C ASN A 783 -33.07 1.45 15.19
N MET A 784 -33.24 0.19 14.82
CA MET A 784 -34.37 -0.21 14.06
C MET A 784 -35.58 0.11 14.83
N THR A 785 -36.63 0.61 14.17
CA THR A 785 -37.92 0.85 14.82
C THR A 785 -38.51 -0.54 14.97
N SER A 786 -39.36 -0.79 15.96
CA SER A 786 -39.80 -2.16 16.18
C SER A 786 -40.50 -2.81 14.99
N GLU A 787 -41.14 -2.01 14.15
CA GLU A 787 -41.79 -2.54 12.94
C GLU A 787 -40.78 -3.17 12.04
N PHE A 788 -39.62 -2.51 11.89
CA PHE A 788 -38.57 -3.06 11.07
C PHE A 788 -38.04 -4.27 11.76
N GLU A 789 -37.97 -4.26 13.09
CA GLU A 789 -37.54 -5.48 13.77
C GLU A 789 -38.46 -6.71 13.78
N GLU A 790 -39.75 -6.56 14.04
CA GLU A 790 -40.54 -7.79 14.05
C GLU A 790 -40.61 -8.41 12.70
N MET A 791 -40.78 -7.61 11.67
CA MET A 791 -40.92 -8.15 10.34
C MET A 791 -39.65 -8.83 10.04
N LEU A 792 -38.54 -8.31 10.50
CA LEU A 792 -37.31 -8.92 10.13
C LEU A 792 -37.38 -10.34 10.63
N GLN A 793 -37.88 -10.58 11.83
CA GLN A 793 -38.06 -11.97 12.28
C GLN A 793 -39.09 -12.75 11.48
N VAL A 794 -40.24 -12.15 11.23
CA VAL A 794 -41.29 -12.84 10.52
C VAL A 794 -40.79 -13.08 9.13
N GLY A 795 -39.64 -12.54 8.79
CA GLY A 795 -39.05 -12.85 7.52
C GLY A 795 -38.24 -14.10 7.49
N ASN A 796 -37.49 -14.39 8.52
CA ASN A 796 -36.71 -15.61 8.42
C ASN A 796 -37.52 -16.86 8.35
N LEU A 797 -38.59 -16.92 9.10
CA LEU A 797 -39.31 -18.13 9.14
C LEU A 797 -39.75 -18.45 7.74
N VAL A 798 -40.30 -17.50 7.04
CA VAL A 798 -40.81 -17.86 5.73
C VAL A 798 -39.68 -18.26 4.87
N PHE A 799 -38.60 -17.50 4.91
CA PHE A 799 -37.47 -17.79 4.04
C PHE A 799 -36.71 -19.08 4.37
N THR A 800 -36.45 -19.41 5.64
CA THR A 800 -35.85 -20.71 5.95
C THR A 800 -36.80 -21.80 5.53
N GLY A 801 -38.09 -21.59 5.73
CA GLY A 801 -39.06 -22.61 5.43
C GLY A 801 -39.03 -23.00 4.00
N ILE A 802 -38.85 -22.07 3.10
CA ILE A 802 -38.93 -22.43 1.73
C ILE A 802 -37.87 -23.46 1.51
N PHE A 803 -36.74 -23.27 2.15
CA PHE A 803 -35.69 -24.25 2.03
C PHE A 803 -35.99 -25.62 2.59
N THR A 804 -36.73 -25.72 3.69
CA THR A 804 -37.10 -27.03 4.26
C THR A 804 -37.88 -27.81 3.26
N ALA A 805 -38.80 -27.15 2.58
CA ALA A 805 -39.52 -27.81 1.49
C ALA A 805 -38.62 -28.20 0.35
N GLU A 806 -37.64 -27.40 0.02
CA GLU A 806 -36.75 -27.84 -1.02
C GLU A 806 -36.01 -29.10 -0.62
N MET A 807 -35.45 -29.18 0.57
CA MET A 807 -34.80 -30.41 0.97
C MET A 807 -35.72 -31.60 1.13
N THR A 808 -36.87 -31.46 1.79
CA THR A 808 -37.68 -32.63 1.95
C THR A 808 -38.11 -33.08 0.58
N PHE A 809 -38.48 -32.18 -0.30
CA PHE A 809 -38.95 -32.61 -1.58
C PHE A 809 -37.81 -33.32 -2.22
N LYS A 810 -36.63 -32.77 -2.08
CA LYS A 810 -35.50 -33.36 -2.70
C LYS A 810 -35.11 -34.64 -2.00
N ILE A 811 -35.47 -34.81 -0.74
CA ILE A 811 -35.23 -36.08 -0.06
C ILE A 811 -36.23 -37.14 -0.53
N ILE A 812 -37.51 -36.76 -0.64
CA ILE A 812 -38.50 -37.70 -1.16
C ILE A 812 -38.24 -38.04 -2.63
N ALA A 813 -37.59 -37.15 -3.37
CA ALA A 813 -37.35 -37.38 -4.79
C ALA A 813 -36.50 -38.62 -5.02
N LEU A 814 -35.38 -38.72 -4.33
CA LEU A 814 -34.44 -39.82 -4.54
C LEU A 814 -33.97 -40.39 -3.20
N ASP A 815 -33.47 -41.62 -3.26
CA ASP A 815 -32.99 -42.27 -2.06
C ASP A 815 -31.77 -41.53 -1.51
N PRO A 816 -31.50 -41.64 -0.20
CA PRO A 816 -30.35 -40.95 0.38
C PRO A 816 -29.01 -41.38 -0.22
N TYR A 817 -28.93 -42.55 -0.84
CA TYR A 817 -27.71 -42.92 -1.55
C TYR A 817 -27.40 -41.96 -2.68
N TYR A 818 -28.42 -41.56 -3.44
CA TYR A 818 -28.24 -40.62 -4.54
C TYR A 818 -28.47 -39.18 -4.14
N TYR A 819 -28.91 -38.92 -2.91
CA TYR A 819 -29.21 -37.55 -2.52
C TYR A 819 -27.99 -36.85 -1.92
N PHE A 820 -27.04 -37.61 -1.37
CA PHE A 820 -25.89 -37.00 -0.71
C PHE A 820 -24.66 -36.97 -1.60
N GLN A 821 -24.84 -36.78 -2.91
CA GLN A 821 -23.71 -36.71 -3.83
C GLN A 821 -23.80 -35.46 -4.68
N GLN A 822 -22.90 -35.38 -5.66
CA GLN A 822 -22.78 -34.38 -6.73
C GLN A 822 -22.14 -33.07 -6.28
N GLY A 823 -21.87 -32.89 -4.98
CA GLY A 823 -21.14 -31.72 -4.53
C GLY A 823 -21.97 -30.46 -4.40
N TRP A 824 -23.28 -30.51 -4.49
CA TRP A 824 -24.10 -29.32 -4.20
C TRP A 824 -25.40 -29.69 -3.58
N ASN A 825 -25.50 -30.86 -2.98
CA ASN A 825 -26.73 -31.18 -2.30
C ASN A 825 -26.33 -31.28 -0.93
N ILE A 826 -25.08 -31.65 -0.76
CA ILE A 826 -24.55 -31.72 0.56
C ILE A 826 -24.52 -30.34 1.03
N PHE A 827 -24.16 -29.42 0.14
CA PHE A 827 -23.98 -28.08 0.59
C PHE A 827 -25.23 -27.55 1.13
N ASP A 828 -26.26 -27.74 0.37
CA ASP A 828 -27.48 -27.19 0.76
C ASP A 828 -27.92 -27.87 2.00
N SER A 829 -27.65 -29.16 2.10
CA SER A 829 -28.20 -29.91 3.20
C SER A 829 -27.75 -29.43 4.55
N ILE A 830 -26.48 -29.09 4.66
CA ILE A 830 -25.96 -28.65 5.94
C ILE A 830 -26.54 -27.37 6.42
N ILE A 831 -26.59 -26.40 5.55
CA ILE A 831 -27.05 -25.09 5.98
C ILE A 831 -28.45 -25.26 6.40
N VAL A 832 -29.22 -25.98 5.61
CA VAL A 832 -30.62 -26.06 5.95
C VAL A 832 -30.68 -26.72 7.31
N ILE A 833 -29.86 -27.73 7.47
CA ILE A 833 -29.89 -28.36 8.72
C ILE A 833 -29.42 -27.48 9.86
N LEU A 834 -28.32 -26.75 9.70
CA LEU A 834 -27.82 -25.99 10.83
C LEU A 834 -28.82 -24.96 11.23
N SER A 835 -29.42 -24.33 10.24
CA SER A 835 -30.30 -23.24 10.56
C SER A 835 -31.44 -23.67 11.37
N LEU A 836 -32.07 -24.78 11.01
CA LEU A 836 -33.26 -25.19 11.71
C LEU A 836 -32.88 -25.48 13.08
N MET A 837 -31.66 -25.95 13.24
CA MET A 837 -31.21 -26.32 14.57
C MET A 837 -31.36 -25.17 15.59
N GLU A 838 -30.68 -24.07 15.36
CA GLU A 838 -30.68 -22.98 16.31
C GLU A 838 -31.98 -22.31 16.63
N LEU A 839 -32.81 -22.07 15.64
CA LEU A 839 -34.03 -21.30 15.87
C LEU A 839 -34.84 -21.98 16.87
N GLY A 840 -34.69 -23.30 16.97
CA GLY A 840 -35.56 -24.07 17.82
C GLY A 840 -35.63 -23.76 19.27
N LEU A 841 -34.51 -23.47 19.94
CA LEU A 841 -34.61 -23.27 21.39
C LEU A 841 -35.49 -22.07 21.65
N SER A 842 -35.45 -21.07 20.75
CA SER A 842 -36.20 -19.82 20.93
C SER A 842 -35.51 -19.08 22.05
N ARG A 843 -34.94 -19.84 22.99
CA ARG A 843 -34.17 -19.25 24.06
C ARG A 843 -32.73 -19.50 23.67
N MET A 844 -32.51 -19.96 22.43
CA MET A 844 -31.16 -20.29 21.99
C MET A 844 -30.19 -19.18 22.32
N SER A 845 -29.01 -19.55 22.76
CA SER A 845 -28.09 -18.54 23.23
C SER A 845 -27.26 -17.73 22.23
N ASN A 846 -26.67 -18.35 21.20
CA ASN A 846 -25.80 -17.61 20.31
C ASN A 846 -26.59 -16.43 19.82
N LEU A 847 -26.10 -15.22 20.07
CA LEU A 847 -26.78 -13.99 19.65
C LEU A 847 -26.77 -13.62 18.18
N SER A 848 -25.65 -13.85 17.49
CA SER A 848 -25.52 -13.38 16.10
C SER A 848 -25.24 -14.35 14.98
N VAL A 849 -24.12 -15.07 15.03
CA VAL A 849 -23.78 -16.03 14.00
C VAL A 849 -25.01 -16.82 13.83
N LEU A 850 -25.73 -17.01 14.92
CA LEU A 850 -26.86 -17.85 14.85
C LEU A 850 -27.72 -17.29 13.77
N ARG A 851 -27.91 -15.99 13.77
CA ARG A 851 -28.65 -15.45 12.68
C ARG A 851 -27.90 -15.61 11.38
N SER A 852 -26.59 -15.46 11.41
CA SER A 852 -25.90 -15.43 10.14
C SER A 852 -25.49 -16.73 9.62
N PHE A 853 -25.92 -17.78 10.25
CA PHE A 853 -25.68 -19.07 9.67
C PHE A 853 -26.36 -19.05 8.30
N ARG A 854 -27.50 -18.41 8.18
CA ARG A 854 -28.24 -18.43 6.94
C ARG A 854 -27.45 -17.85 5.88
N LEU A 855 -26.52 -17.00 6.24
CA LEU A 855 -25.85 -16.22 5.25
C LEU A 855 -25.14 -16.93 4.18
N LEU A 856 -24.60 -18.06 4.47
CA LEU A 856 -23.78 -18.64 3.46
C LEU A 856 -24.58 -19.01 2.28
N ARG A 857 -25.89 -18.95 2.37
CA ARG A 857 -26.72 -19.42 1.30
C ARG A 857 -26.35 -18.66 0.13
N VAL A 858 -25.83 -17.46 0.34
CA VAL A 858 -25.57 -16.60 -0.75
C VAL A 858 -24.65 -17.29 -1.67
N PHE A 859 -23.81 -18.18 -1.19
CA PHE A 859 -22.85 -18.75 -2.11
C PHE A 859 -23.50 -19.52 -3.25
N LYS A 860 -24.74 -19.93 -3.05
CA LYS A 860 -25.38 -20.81 -3.98
C LYS A 860 -25.59 -20.30 -5.32
N LEU A 861 -25.28 -19.05 -5.53
CA LEU A 861 -25.62 -18.48 -6.80
C LEU A 861 -24.53 -18.82 -7.72
N ALA A 862 -23.61 -19.61 -7.23
CA ALA A 862 -22.45 -19.96 -8.00
C ALA A 862 -22.63 -20.71 -9.24
N LYS A 863 -23.51 -21.70 -9.25
CA LYS A 863 -23.68 -22.55 -10.44
C LYS A 863 -23.93 -21.63 -11.59
N SER A 864 -24.79 -20.66 -11.39
CA SER A 864 -25.07 -19.66 -12.38
C SER A 864 -23.96 -18.66 -12.70
N TRP A 865 -23.26 -18.16 -11.69
CA TRP A 865 -22.31 -17.08 -11.91
C TRP A 865 -20.85 -17.46 -12.11
N PRO A 866 -20.33 -17.38 -13.32
CA PRO A 866 -18.93 -17.82 -13.54
C PRO A 866 -17.93 -17.15 -12.62
N THR A 867 -18.12 -15.88 -12.28
CA THR A 867 -17.12 -15.18 -11.49
C THR A 867 -17.14 -15.64 -10.03
N LEU A 868 -18.33 -15.87 -9.46
CA LEU A 868 -18.40 -16.46 -8.13
C LEU A 868 -17.85 -17.89 -8.14
N ASN A 869 -18.06 -18.63 -9.21
CA ASN A 869 -17.44 -19.95 -9.33
C ASN A 869 -15.92 -19.84 -9.30
N THR A 870 -15.36 -18.89 -10.04
CA THR A 870 -13.92 -18.68 -10.01
C THR A 870 -13.42 -18.25 -8.64
N LEU A 871 -14.14 -17.38 -7.94
CA LEU A 871 -13.80 -16.99 -6.59
C LEU A 871 -13.81 -18.15 -5.60
N ILE A 872 -14.65 -19.15 -5.87
CA ILE A 872 -14.71 -20.27 -4.95
C ILE A 872 -13.64 -21.25 -5.27
N LYS A 873 -13.33 -21.37 -6.53
CA LYS A 873 -12.32 -22.26 -6.88
C LYS A 873 -11.04 -21.81 -6.32
N ILE A 874 -10.73 -20.53 -6.28
CA ILE A 874 -9.50 -20.09 -5.64
C ILE A 874 -9.42 -20.37 -4.18
N ILE A 875 -10.46 -20.17 -3.41
CA ILE A 875 -10.34 -20.51 -2.02
C ILE A 875 -10.04 -21.98 -1.87
N GLY A 876 -10.72 -22.76 -2.69
CA GLY A 876 -10.49 -24.18 -2.65
C GLY A 876 -9.11 -24.61 -3.04
N ASN A 877 -8.59 -24.04 -4.12
CA ASN A 877 -7.23 -24.34 -4.58
C ASN A 877 -6.23 -24.09 -3.47
N SER A 878 -6.30 -22.91 -2.87
CA SER A 878 -5.33 -22.58 -1.84
C SER A 878 -5.43 -23.50 -0.63
N VAL A 879 -6.64 -23.79 -0.18
CA VAL A 879 -6.82 -24.72 0.94
C VAL A 879 -6.43 -26.16 0.64
N GLY A 880 -6.81 -26.69 -0.51
CA GLY A 880 -6.56 -28.09 -0.79
C GLY A 880 -5.45 -28.53 -1.72
N ALA A 881 -5.33 -27.90 -2.88
CA ALA A 881 -4.33 -28.35 -3.86
C ALA A 881 -2.96 -27.77 -3.60
N LEU A 882 -2.82 -26.47 -3.73
CA LEU A 882 -1.56 -25.84 -3.46
C LEU A 882 -1.72 -25.57 -2.02
N GLY A 883 -2.36 -26.47 -1.31
CA GLY A 883 -2.50 -26.31 0.12
C GLY A 883 -1.26 -26.55 0.93
N ASN A 884 -0.12 -26.81 0.28
CA ASN A 884 1.12 -26.97 1.03
C ASN A 884 1.83 -25.64 1.23
N LEU A 885 1.66 -24.71 0.28
CA LEU A 885 2.26 -23.39 0.42
C LEU A 885 1.67 -22.64 1.61
N THR A 886 0.35 -22.74 1.81
CA THR A 886 -0.26 -22.07 2.95
C THR A 886 0.18 -22.73 4.26
N LEU A 887 0.40 -24.04 4.25
CA LEU A 887 0.93 -24.70 5.44
C LEU A 887 2.34 -24.21 5.75
N VAL A 888 3.18 -24.06 4.72
CA VAL A 888 4.52 -23.51 4.92
C VAL A 888 4.43 -22.09 5.48
N LEU A 889 3.53 -21.28 4.94
CA LEU A 889 3.36 -19.91 5.43
C LEU A 889 2.93 -19.90 6.89
N ALA A 890 1.98 -20.77 7.26
CA ALA A 890 1.55 -20.84 8.65
C ALA A 890 2.68 -21.26 9.58
N ILE A 891 3.49 -22.23 9.14
CA ILE A 891 4.63 -22.66 9.95
C ILE A 891 5.62 -21.51 10.13
N ILE A 892 5.89 -20.77 9.06
CA ILE A 892 6.83 -19.65 9.14
C ILE A 892 6.30 -18.58 10.09
N VAL A 893 5.01 -18.25 9.98
CA VAL A 893 4.42 -17.24 10.85
C VAL A 893 4.49 -17.68 12.31
N PHE A 894 4.18 -18.95 12.58
CA PHE A 894 4.26 -19.45 13.94
C PHE A 894 5.69 -19.37 14.49
N ILE A 895 6.67 -19.78 13.67
CA ILE A 895 8.05 -19.74 14.13
C ILE A 895 8.47 -18.32 14.44
N PHE A 896 8.14 -17.37 13.55
CA PHE A 896 8.52 -15.98 13.78
C PHE A 896 7.83 -15.40 15.00
N ALA A 897 6.55 -15.74 15.21
CA ALA A 897 5.85 -15.24 16.39
C ALA A 897 6.48 -15.76 17.67
N VAL A 898 6.83 -17.04 17.72
CA VAL A 898 7.42 -17.58 18.93
C VAL A 898 8.81 -17.00 19.16
N VAL A 899 9.61 -16.84 18.10
CA VAL A 899 10.92 -16.22 18.24
C VAL A 899 10.80 -14.81 18.77
N GLY A 900 9.90 -14.01 18.17
CA GLY A 900 9.73 -12.65 18.64
C GLY A 900 9.28 -12.58 20.08
N MET A 901 8.33 -13.43 20.45
CA MET A 901 7.87 -13.45 21.84
C MET A 901 9.00 -13.78 22.79
N GLN A 902 9.75 -14.85 22.52
CA GLN A 902 10.81 -15.26 23.43
C GLN A 902 11.88 -14.19 23.55
N LEU A 903 12.26 -13.56 22.43
CA LEU A 903 13.32 -12.55 22.49
C LEU A 903 12.86 -11.27 23.18
N PHE A 904 11.64 -10.81 22.90
CA PHE A 904 11.27 -9.44 23.24
C PHE A 904 10.23 -9.32 24.35
N GLY A 905 9.66 -10.41 24.86
CA GLY A 905 8.55 -10.29 25.79
C GLY A 905 8.88 -9.63 27.11
N LYS A 906 10.04 -9.88 27.61
CA LYS A 906 10.28 -9.42 28.92
C LYS A 906 10.32 -7.96 28.89
N ASN A 907 10.98 -7.42 27.89
CA ASN A 907 11.19 -6.01 27.82
C ASN A 907 9.97 -5.13 27.70
N TYR A 908 8.92 -5.52 27.01
CA TYR A 908 7.82 -4.64 26.75
C TYR A 908 7.08 -4.28 27.96
N SER A 909 7.50 -4.75 29.10
CA SER A 909 6.86 -4.36 30.34
C SER A 909 7.15 -2.96 30.76
N GLU A 910 8.22 -2.36 30.28
CA GLU A 910 8.47 -0.93 30.53
C GLU A 910 7.61 0.05 29.76
N LEU A 911 7.34 -0.23 28.50
CA LEU A 911 6.51 0.62 27.71
C LEU A 911 5.21 0.70 28.40
N ARG A 912 5.03 -0.09 29.42
CA ARG A 912 3.84 -0.01 30.19
C ARG A 912 3.75 1.29 30.83
N ASP A 913 2.59 1.90 30.77
CA ASP A 913 2.38 3.15 31.48
C ASP A 913 2.14 2.62 32.87
N SER A 914 2.90 3.08 33.86
CA SER A 914 2.79 2.55 35.19
C SER A 914 1.68 3.31 35.83
N ASP A 915 1.29 4.41 35.24
CA ASP A 915 0.13 5.09 35.76
C ASP A 915 -1.09 4.20 35.59
N SER A 916 -1.27 3.60 34.42
CA SER A 916 -2.47 2.82 34.18
C SER A 916 -2.19 1.33 34.06
N GLY A 917 -0.92 0.95 34.15
CA GLY A 917 -0.56 -0.44 33.94
C GLY A 917 -0.98 -0.82 32.55
N LEU A 918 -0.88 0.12 31.62
CA LEU A 918 -1.33 -0.12 30.26
C LEU A 918 -0.17 -0.05 29.28
N LEU A 919 0.05 -1.23 28.74
CA LEU A 919 1.13 -1.36 27.85
C LEU A 919 0.58 -1.08 26.46
N PRO A 920 1.39 -1.23 25.41
CA PRO A 920 0.90 -0.91 24.13
C PRO A 920 -0.20 -1.79 23.63
N ARG A 921 -0.78 -1.41 22.52
CA ARG A 921 -1.81 -2.14 21.97
C ARG A 921 -1.14 -3.06 21.09
N TRP A 922 0.10 -2.82 20.83
CA TRP A 922 0.82 -3.81 20.10
C TRP A 922 2.00 -4.27 20.97
N HIS A 923 2.01 -5.48 21.48
CA HIS A 923 3.04 -5.91 22.33
C HIS A 923 3.38 -7.23 21.89
N MET A 924 4.34 -7.90 22.51
CA MET A 924 4.78 -9.20 22.13
C MET A 924 4.93 -9.99 23.35
N MET A 925 4.41 -9.52 24.43
CA MET A 925 4.47 -10.29 25.60
C MET A 925 3.76 -11.64 25.57
N ASP A 926 2.59 -11.79 24.95
CA ASP A 926 1.82 -13.05 25.00
C ASP A 926 1.76 -13.58 23.63
N PHE A 927 1.26 -14.79 23.42
CA PHE A 927 1.37 -15.33 22.07
C PHE A 927 0.50 -14.63 21.12
N PHE A 928 -0.80 -14.48 21.39
CA PHE A 928 -1.69 -13.93 20.40
C PHE A 928 -1.23 -12.60 20.03
N HIS A 929 -0.87 -11.75 20.98
CA HIS A 929 -0.56 -10.38 20.68
C HIS A 929 0.55 -10.46 19.73
N ALA A 930 1.44 -11.40 19.86
CA ALA A 930 2.50 -11.57 18.90
C ALA A 930 2.09 -12.01 17.58
N PHE A 931 1.08 -12.84 17.46
CA PHE A 931 0.73 -13.35 16.17
C PHE A 931 0.39 -12.12 15.43
N LEU A 932 -0.34 -11.21 16.04
CA LEU A 932 -0.79 -10.06 15.34
C LEU A 932 0.35 -9.17 14.88
N ILE A 933 1.37 -8.85 15.64
CA ILE A 933 2.42 -8.02 15.15
C ILE A 933 3.03 -8.70 13.98
N ILE A 934 3.13 -10.00 13.95
CA ILE A 934 3.63 -10.70 12.78
C ILE A 934 2.69 -10.57 11.63
N PHE A 935 1.38 -10.58 11.85
CA PHE A 935 0.46 -10.35 10.77
C PHE A 935 0.57 -8.92 10.27
N ARG A 936 0.58 -7.89 11.12
CA ARG A 936 0.63 -6.50 10.70
C ARG A 936 1.81 -6.48 9.82
N ILE A 937 2.94 -6.99 10.22
CA ILE A 937 4.12 -6.87 9.39
C ILE A 937 3.86 -7.46 8.01
N LEU A 938 3.12 -8.57 7.95
CA LEU A 938 2.72 -9.12 6.66
C LEU A 938 1.85 -8.15 5.88
N CYS A 939 0.91 -7.46 6.51
CA CYS A 939 0.00 -6.54 5.82
C CYS A 939 0.59 -5.21 5.45
N GLY A 940 1.88 -5.01 5.66
CA GLY A 940 2.59 -3.77 5.38
C GLY A 940 3.00 -2.84 6.49
N GLU A 941 2.43 -2.94 7.67
CA GLU A 941 2.72 -2.01 8.70
C GLU A 941 3.86 -2.29 9.63
N TRP A 942 5.09 -2.44 9.15
CA TRP A 942 6.23 -2.81 10.02
C TRP A 942 6.89 -1.76 10.94
N ILE A 943 6.93 -0.48 10.56
CA ILE A 943 7.60 0.52 11.32
C ILE A 943 7.17 1.00 12.59
N GLU A 944 5.96 1.27 12.81
CA GLU A 944 5.69 1.85 14.07
C GLU A 944 6.00 0.91 15.09
N THR A 945 6.34 -0.28 14.70
CA THR A 945 6.74 -1.25 15.70
C THR A 945 8.26 -1.40 15.97
N MET A 946 9.13 -1.30 14.98
CA MET A 946 10.51 -1.39 15.23
C MET A 946 10.64 -0.23 16.11
N TRP A 947 10.02 0.87 15.80
CA TRP A 947 10.26 2.02 16.59
C TRP A 947 9.83 1.75 17.97
N ASP A 948 8.85 0.94 18.25
CA ASP A 948 8.52 0.77 19.66
C ASP A 948 9.13 -0.37 20.33
N CYS A 949 9.98 -1.06 19.63
CA CYS A 949 10.67 -2.16 20.20
C CYS A 949 12.07 -1.74 20.28
N MET A 950 12.57 -0.87 19.44
CA MET A 950 13.92 -0.46 19.59
C MET A 950 14.06 0.40 20.82
N GLU A 951 13.00 0.87 21.43
CA GLU A 951 13.10 1.63 22.67
C GLU A 951 13.09 0.86 23.92
N VAL A 952 12.79 -0.42 23.84
CA VAL A 952 12.75 -1.27 24.99
C VAL A 952 13.85 -2.29 24.81
N SER A 953 14.15 -2.66 23.58
CA SER A 953 15.07 -3.72 23.37
C SER A 953 16.40 -3.45 22.83
N GLY A 954 16.69 -2.28 22.38
CA GLY A 954 17.99 -2.10 21.79
C GLY A 954 17.96 -2.34 20.34
N GLN A 955 18.49 -1.42 19.58
CA GLN A 955 18.36 -1.46 18.18
C GLN A 955 18.85 -2.56 17.37
N SER A 956 19.90 -3.17 17.78
CA SER A 956 20.52 -4.16 16.94
C SER A 956 19.71 -5.39 16.61
N LEU A 957 18.95 -5.89 17.58
CA LEU A 957 18.14 -7.06 17.36
C LEU A 957 16.82 -6.62 16.76
N CYS A 958 16.17 -5.62 17.33
CA CYS A 958 14.86 -5.28 16.80
C CYS A 958 14.95 -5.20 15.29
N LEU A 959 15.95 -4.47 14.80
CA LEU A 959 16.11 -4.33 13.35
C LEU A 959 16.35 -5.68 12.70
N LEU A 960 17.15 -6.51 13.34
CA LEU A 960 17.45 -7.82 12.77
C LEU A 960 16.22 -8.72 12.64
N VAL A 961 15.34 -8.73 13.63
CA VAL A 961 14.20 -9.67 13.59
C VAL A 961 13.02 -9.09 12.86
N PHE A 962 12.55 -7.94 13.29
CA PHE A 962 11.43 -7.24 12.63
C PHE A 962 11.65 -6.84 11.25
N LEU A 963 12.82 -7.10 10.69
CA LEU A 963 13.01 -6.81 9.28
C LEU A 963 13.23 -8.14 8.64
N LEU A 964 13.55 -9.13 9.45
CA LEU A 964 13.69 -10.47 8.89
C LEU A 964 12.34 -11.04 8.50
N VAL A 965 11.32 -10.75 9.27
CA VAL A 965 10.03 -11.26 8.99
C VAL A 965 9.65 -10.76 7.67
N MET A 966 9.94 -9.48 7.42
CA MET A 966 9.57 -8.83 6.17
C MET A 966 10.07 -9.48 4.89
N VAL A 967 11.39 -9.60 4.70
CA VAL A 967 11.85 -10.09 3.46
C VAL A 967 11.31 -11.48 3.23
N ILE A 968 11.35 -12.38 4.20
CA ILE A 968 10.91 -13.74 3.96
C ILE A 968 9.43 -13.76 3.75
N GLY A 969 8.72 -13.10 4.61
CA GLY A 969 7.30 -13.14 4.53
C GLY A 969 6.74 -12.59 3.28
N ASN A 970 7.18 -11.44 2.87
CA ASN A 970 6.59 -10.86 1.73
C ASN A 970 6.92 -11.75 0.60
N LEU A 971 8.00 -12.49 0.65
CA LEU A 971 8.27 -13.48 -0.39
C LEU A 971 7.37 -14.68 -0.38
N VAL A 972 7.05 -15.21 0.77
CA VAL A 972 6.09 -16.28 0.78
C VAL A 972 4.69 -15.84 0.43
N VAL A 973 4.20 -14.71 0.95
CA VAL A 973 2.87 -14.27 0.69
C VAL A 973 2.80 -14.03 -0.76
N LEU A 974 3.78 -13.43 -1.38
CA LEU A 974 3.77 -13.33 -2.82
C LEU A 974 3.84 -14.63 -3.58
N ASN A 975 4.62 -15.60 -3.16
CA ASN A 975 4.61 -16.81 -3.93
C ASN A 975 3.26 -17.46 -3.85
N LEU A 976 2.56 -17.46 -2.72
CA LEU A 976 1.28 -18.13 -2.69
C LEU A 976 0.36 -17.42 -3.60
N PHE A 977 0.37 -16.10 -3.60
CA PHE A 977 -0.52 -15.32 -4.42
C PHE A 977 -0.28 -15.49 -5.86
N LEU A 978 0.93 -15.43 -6.28
CA LEU A 978 1.15 -15.49 -7.66
C LEU A 978 0.69 -16.78 -8.13
N ALA A 979 0.87 -17.78 -7.33
CA ALA A 979 0.45 -19.09 -7.69
C ALA A 979 -1.03 -19.29 -7.85
N LEU A 980 -1.83 -18.75 -6.96
CA LEU A 980 -3.23 -19.00 -7.06
C LEU A 980 -3.64 -18.45 -8.39
N LEU A 981 -3.20 -17.24 -8.71
CA LEU A 981 -3.56 -16.59 -9.97
C LEU A 981 -3.20 -17.39 -11.20
N LEU A 982 -1.97 -17.90 -11.26
CA LEU A 982 -1.52 -18.60 -12.41
C LEU A 982 -2.34 -19.78 -12.66
N SER A 983 -2.80 -20.41 -11.62
CA SER A 983 -3.55 -21.63 -11.81
C SER A 983 -4.85 -21.49 -12.60
N SER A 984 -5.65 -20.48 -12.29
CA SER A 984 -6.87 -20.23 -13.04
C SER A 984 -6.53 -19.96 -14.50
N PHE A 985 -5.44 -19.23 -14.73
CA PHE A 985 -5.01 -18.93 -16.09
C PHE A 985 -4.64 -20.19 -16.87
N SER A 986 -3.92 -21.10 -16.23
CA SER A 986 -3.53 -22.35 -16.87
C SER A 986 -4.76 -23.20 -17.20
N ALA A 987 -5.72 -23.23 -16.29
CA ALA A 987 -6.93 -24.01 -16.51
C ALA A 987 -8.05 -23.14 -17.10
N GLY A 1231 -32.30 26.48 -53.08
CA GLY A 1231 -30.93 26.86 -53.35
C GLY A 1231 -29.96 25.70 -53.31
N LYS A 1232 -29.08 25.60 -54.31
CA LYS A 1232 -28.11 24.51 -54.36
C LYS A 1232 -26.82 24.86 -53.65
N VAL A 1233 -26.68 26.10 -53.18
CA VAL A 1233 -25.44 26.52 -52.55
C VAL A 1233 -25.26 25.92 -51.16
N TRP A 1234 -26.27 25.23 -50.63
CA TRP A 1234 -26.15 24.59 -49.33
C TRP A 1234 -25.07 23.50 -49.35
N TRP A 1235 -24.99 22.74 -50.44
CA TRP A 1235 -24.03 21.66 -50.52
C TRP A 1235 -22.58 22.14 -50.56
N ARG A 1236 -22.35 23.40 -50.94
CA ARG A 1236 -21.02 23.98 -50.83
C ARG A 1236 -20.82 24.76 -49.56
N LEU A 1237 -21.89 25.32 -48.99
CA LEU A 1237 -21.79 25.94 -47.66
C LEU A 1237 -21.47 24.90 -46.61
N ARG A 1238 -21.92 23.66 -46.79
CA ARG A 1238 -21.52 22.59 -45.87
C ARG A 1238 -20.02 22.33 -45.98
N LYS A 1239 -19.47 22.34 -47.19
CA LYS A 1239 -18.05 22.05 -47.34
C LYS A 1239 -17.17 23.22 -46.90
N THR A 1240 -17.65 24.45 -47.04
CA THR A 1240 -16.85 25.59 -46.57
C THR A 1240 -16.74 25.62 -45.06
N CYS A 1241 -17.69 25.01 -44.34
CA CYS A 1241 -17.59 24.84 -42.90
C CYS A 1241 -17.04 23.48 -42.51
N TYR A 1242 -16.91 22.56 -43.46
CA TYR A 1242 -16.09 21.37 -43.24
C TYR A 1242 -14.61 21.70 -43.30
N HIS A 1243 -14.24 22.63 -44.18
CA HIS A 1243 -12.82 22.96 -44.36
C HIS A 1243 -12.24 23.66 -43.13
N ILE A 1244 -13.05 24.43 -42.40
CA ILE A 1244 -12.54 25.08 -41.20
C ILE A 1244 -12.19 24.02 -40.14
N VAL A 1245 -12.97 22.94 -40.08
CA VAL A 1245 -12.56 21.78 -39.30
C VAL A 1245 -11.28 21.18 -39.88
N GLU A 1246 -11.22 21.08 -41.21
CA GLU A 1246 -9.98 20.62 -41.85
C GLU A 1246 -8.86 21.64 -41.70
N HIS A 1247 -9.20 22.90 -41.46
CA HIS A 1247 -8.19 23.91 -41.19
C HIS A 1247 -7.60 23.71 -39.80
N SER A 1248 -6.30 23.62 -39.76
CA SER A 1248 -5.69 23.32 -38.51
C SER A 1248 -5.91 24.42 -37.56
N TRP A 1249 -5.84 25.65 -38.03
CA TRP A 1249 -5.94 26.79 -37.10
C TRP A 1249 -7.18 26.87 -36.21
N PHE A 1250 -8.37 26.55 -36.69
CA PHE A 1250 -9.51 26.69 -35.83
C PHE A 1250 -9.49 25.74 -34.70
N GLU A 1251 -9.26 24.48 -34.96
CA GLU A 1251 -9.34 23.58 -33.81
C GLU A 1251 -8.16 23.68 -32.89
N THR A 1252 -7.03 24.13 -33.38
CA THR A 1252 -5.90 24.36 -32.52
C THR A 1252 -6.25 25.48 -31.56
N PHE A 1253 -7.02 26.45 -32.00
CA PHE A 1253 -7.41 27.54 -31.14
C PHE A 1253 -8.16 26.86 -30.12
N ILE A 1254 -9.00 25.95 -30.54
CA ILE A 1254 -9.84 25.29 -29.57
C ILE A 1254 -8.94 24.55 -28.61
N ILE A 1255 -7.91 23.88 -29.08
CA ILE A 1255 -7.10 23.10 -28.16
C ILE A 1255 -6.46 24.01 -27.12
N PHE A 1256 -5.96 25.16 -27.54
CA PHE A 1256 -5.38 26.10 -26.62
C PHE A 1256 -6.47 26.64 -25.74
N MET A 1257 -7.62 26.90 -26.31
CA MET A 1257 -8.64 27.47 -25.54
C MET A 1257 -9.00 26.49 -24.49
N ILE A 1258 -8.96 25.19 -24.78
CA ILE A 1258 -9.24 24.17 -23.73
C ILE A 1258 -8.28 24.19 -22.56
N LEU A 1259 -6.98 24.31 -22.82
CA LEU A 1259 -6.04 24.44 -21.73
C LEU A 1259 -6.29 25.71 -20.98
N LEU A 1260 -6.45 26.83 -21.64
CA LEU A 1260 -6.61 28.03 -20.88
C LEU A 1260 -7.85 27.92 -20.10
N SER A 1261 -8.85 27.35 -20.70
CA SER A 1261 -10.11 27.31 -20.06
C SER A 1261 -10.02 26.57 -18.83
N SER A 1262 -9.29 25.46 -18.89
CA SER A 1262 -9.12 24.61 -17.73
C SER A 1262 -8.35 25.28 -16.66
N GLY A 1263 -7.30 25.96 -17.04
CA GLY A 1263 -6.46 26.55 -16.06
C GLY A 1263 -7.15 27.57 -15.22
N ALA A 1264 -7.97 28.40 -15.83
CA ALA A 1264 -8.56 29.47 -15.10
C ALA A 1264 -9.33 28.99 -13.99
N LEU A 1265 -9.48 27.68 -13.89
CA LEU A 1265 -10.17 27.19 -12.70
C LEU A 1265 -9.28 27.22 -11.47
N ALA A 1266 -7.96 27.16 -11.64
CA ALA A 1266 -7.03 27.03 -10.53
C ALA A 1266 -6.92 28.29 -9.69
N PHE A 1267 -7.63 29.33 -10.06
CA PHE A 1267 -7.44 30.57 -9.35
C PHE A 1267 -8.47 30.88 -8.34
N GLU A 1268 -9.45 30.02 -8.21
CA GLU A 1268 -10.52 30.27 -7.28
C GLU A 1268 -10.18 29.66 -5.98
N ASP A 1269 -9.67 30.42 -5.02
CA ASP A 1269 -9.22 29.88 -3.78
C ASP A 1269 -9.92 30.68 -2.80
N ILE A 1270 -9.58 30.47 -1.57
CA ILE A 1270 -10.20 31.20 -0.54
C ILE A 1270 -9.84 32.68 -0.71
N TYR A 1271 -8.77 33.01 -1.40
CA TYR A 1271 -8.38 34.39 -1.48
C TYR A 1271 -8.81 35.15 -2.69
N LEU A 1272 -9.44 34.56 -3.68
CA LEU A 1272 -9.92 35.37 -4.82
C LEU A 1272 -10.99 36.30 -4.39
N GLU A 1273 -11.73 35.99 -3.35
CA GLU A 1273 -12.81 36.89 -3.04
C GLU A 1273 -12.24 38.24 -2.82
N GLU A 1274 -11.06 38.29 -2.22
CA GLU A 1274 -10.42 39.56 -1.95
C GLU A 1274 -9.30 39.96 -2.92
N ARG A 1275 -9.22 39.29 -4.07
CA ARG A 1275 -8.29 39.72 -5.12
C ARG A 1275 -9.25 40.26 -6.17
N LYS A 1276 -9.67 41.52 -5.98
CA LYS A 1276 -10.66 42.18 -6.84
C LYS A 1276 -10.40 42.31 -8.33
N THR A 1277 -9.23 42.74 -8.67
CA THR A 1277 -8.87 43.02 -10.07
C THR A 1277 -8.98 41.78 -10.93
N ILE A 1278 -8.87 40.62 -10.31
CA ILE A 1278 -8.94 39.38 -11.01
C ILE A 1278 -10.32 38.77 -11.00
N LYS A 1279 -11.02 38.89 -9.90
CA LYS A 1279 -12.31 38.28 -9.81
C LYS A 1279 -13.07 38.61 -11.06
N VAL A 1280 -13.10 39.88 -11.44
CA VAL A 1280 -13.87 40.35 -12.58
C VAL A 1280 -13.35 39.76 -13.82
N LEU A 1281 -12.03 39.65 -13.95
CA LEU A 1281 -11.42 39.20 -15.17
C LEU A 1281 -11.98 37.89 -15.44
N LEU A 1282 -12.17 37.12 -14.38
CA LEU A 1282 -12.62 35.77 -14.62
C LEU A 1282 -13.95 35.73 -15.30
N GLU A 1283 -14.87 36.54 -14.85
CA GLU A 1283 -16.19 36.49 -15.41
C GLU A 1283 -16.30 36.86 -16.89
N TYR A 1284 -15.56 37.85 -17.35
CA TYR A 1284 -15.64 38.18 -18.73
C TYR A 1284 -15.24 36.95 -19.38
N ALA A 1285 -14.19 36.34 -18.89
CA ALA A 1285 -13.70 35.18 -19.56
C ALA A 1285 -14.64 34.05 -19.43
N ASP A 1286 -15.40 33.98 -18.36
CA ASP A 1286 -16.24 32.82 -18.21
C ASP A 1286 -17.15 32.80 -19.41
N LYS A 1287 -17.82 33.91 -19.64
CA LYS A 1287 -18.71 34.00 -20.75
C LYS A 1287 -18.02 33.63 -22.03
N MET A 1288 -16.93 34.26 -22.37
CA MET A 1288 -16.32 34.00 -23.64
C MET A 1288 -15.96 32.59 -23.74
N PHE A 1289 -15.62 31.95 -22.66
CA PHE A 1289 -15.21 30.60 -22.85
C PHE A 1289 -16.35 29.81 -23.43
N THR A 1290 -17.54 29.94 -22.88
CA THR A 1290 -18.64 29.13 -23.35
C THR A 1290 -18.91 29.42 -24.80
N TYR A 1291 -18.90 30.66 -25.20
CA TYR A 1291 -19.21 30.99 -26.55
C TYR A 1291 -18.23 30.40 -27.50
N VAL A 1292 -16.95 30.39 -27.22
CA VAL A 1292 -16.03 29.90 -28.21
C VAL A 1292 -16.41 28.50 -28.46
N PHE A 1293 -16.78 27.79 -27.43
CA PHE A 1293 -17.26 26.43 -27.60
C PHE A 1293 -18.60 26.27 -28.31
N VAL A 1294 -19.56 27.12 -28.00
CA VAL A 1294 -20.88 26.98 -28.58
C VAL A 1294 -20.76 27.17 -30.04
N LEU A 1295 -19.94 28.11 -30.43
CA LEU A 1295 -19.77 28.39 -31.82
C LEU A 1295 -19.25 27.12 -32.39
N GLU A 1296 -18.40 26.43 -31.65
CA GLU A 1296 -17.86 25.15 -32.11
C GLU A 1296 -18.92 24.02 -32.17
N MET A 1297 -19.78 23.87 -31.15
CA MET A 1297 -20.77 22.78 -31.23
C MET A 1297 -21.68 23.00 -32.39
N LEU A 1298 -22.17 24.21 -32.57
CA LEU A 1298 -23.03 24.50 -33.69
C LEU A 1298 -22.27 24.30 -34.97
N LEU A 1299 -21.01 24.67 -35.04
CA LEU A 1299 -20.34 24.56 -36.28
C LEU A 1299 -20.29 23.12 -36.64
N LYS A 1300 -20.07 22.30 -35.67
CA LYS A 1300 -20.01 20.89 -35.93
C LYS A 1300 -21.29 20.29 -36.38
N TRP A 1301 -22.40 20.68 -35.76
CA TRP A 1301 -23.64 20.08 -36.07
C TRP A 1301 -23.83 20.30 -37.55
N VAL A 1302 -23.55 21.46 -38.06
CA VAL A 1302 -23.68 21.64 -39.48
C VAL A 1302 -22.76 20.83 -40.31
N ALA A 1303 -21.47 20.80 -40.02
CA ALA A 1303 -20.49 20.12 -40.91
C ALA A 1303 -20.54 18.66 -41.03
N TYR A 1304 -20.85 18.02 -39.94
CA TYR A 1304 -20.91 16.59 -39.97
C TYR A 1304 -22.34 16.20 -39.75
N GLY A 1305 -23.21 17.16 -39.48
CA GLY A 1305 -24.59 16.75 -39.36
C GLY A 1305 -24.91 16.20 -37.98
N PHE A 1306 -26.20 15.98 -37.74
CA PHE A 1306 -26.62 15.42 -36.46
C PHE A 1306 -26.14 13.99 -36.28
N LYS A 1307 -26.04 13.22 -37.37
CA LYS A 1307 -25.69 11.81 -37.28
C LYS A 1307 -24.32 11.62 -36.64
N LYS A 1308 -23.27 12.12 -37.31
CA LYS A 1308 -21.91 11.89 -36.81
C LYS A 1308 -21.70 12.52 -35.44
N TYR A 1309 -22.23 13.72 -35.22
CA TYR A 1309 -22.03 14.39 -33.94
C TYR A 1309 -22.71 13.62 -32.81
N PHE A 1310 -23.89 13.06 -33.06
CA PHE A 1310 -24.64 12.37 -32.03
C PHE A 1310 -24.33 10.89 -31.93
N THR A 1311 -23.48 10.35 -32.82
CA THR A 1311 -23.20 8.92 -32.83
C THR A 1311 -21.76 8.59 -32.42
N ASN A 1312 -20.90 9.59 -32.23
CA ASN A 1312 -19.50 9.34 -31.94
C ASN A 1312 -19.19 9.09 -30.48
N ALA A 1313 -20.00 9.63 -29.56
CA ALA A 1313 -19.88 9.43 -28.12
C ALA A 1313 -18.66 10.15 -27.54
N TRP A 1314 -17.82 10.71 -28.42
CA TRP A 1314 -16.84 11.69 -27.96
C TRP A 1314 -17.44 13.08 -27.93
N CYS A 1315 -18.27 13.39 -28.94
CA CYS A 1315 -18.95 14.68 -28.97
C CYS A 1315 -20.05 14.75 -27.93
N TRP A 1316 -20.48 13.59 -27.43
CA TRP A 1316 -21.54 13.58 -26.42
C TRP A 1316 -21.08 14.24 -25.12
N LEU A 1317 -19.84 13.96 -24.70
CA LEU A 1317 -19.32 14.56 -23.48
C LEU A 1317 -19.25 16.08 -23.59
N ASP A 1318 -18.72 16.57 -24.72
CA ASP A 1318 -18.68 18.00 -24.96
C ASP A 1318 -20.10 18.57 -25.00
N PHE A 1319 -21.05 17.79 -25.53
CA PHE A 1319 -22.44 18.24 -25.57
C PHE A 1319 -22.98 18.47 -24.17
N LEU A 1320 -22.78 17.51 -23.27
CA LEU A 1320 -23.28 17.69 -21.91
C LEU A 1320 -22.56 18.83 -21.19
N ILE A 1321 -21.25 18.95 -21.39
CA ILE A 1321 -20.50 20.01 -20.71
C ILE A 1321 -20.99 21.38 -21.17
N VAL A 1322 -21.17 21.56 -22.48
CA VAL A 1322 -21.67 22.83 -22.97
C VAL A 1322 -23.13 23.04 -22.58
N ASP A 1323 -23.91 21.97 -22.45
CA ASP A 1323 -25.28 22.08 -21.98
C ASP A 1323 -25.34 22.68 -20.58
N VAL A 1324 -24.58 22.10 -19.65
CA VAL A 1324 -24.59 22.62 -18.28
C VAL A 1324 -23.98 24.01 -18.24
N SER A 1325 -22.96 24.27 -19.06
CA SER A 1325 -22.38 25.61 -19.11
C SER A 1325 -23.39 26.65 -19.58
N LEU A 1326 -24.19 26.32 -20.61
CA LEU A 1326 -25.25 27.22 -21.04
C LEU A 1326 -26.30 27.43 -19.97
N VAL A 1327 -26.72 26.34 -19.32
CA VAL A 1327 -27.72 26.47 -18.26
C VAL A 1327 -27.21 27.42 -17.18
N SER A 1328 -25.91 27.36 -16.88
CA SER A 1328 -25.33 28.22 -15.85
C SER A 1328 -25.62 29.69 -16.14
N LEU A 1329 -25.18 30.19 -17.29
CA LEU A 1329 -25.34 31.62 -17.56
C LEU A 1329 -26.77 31.98 -17.96
N VAL A 1330 -27.54 31.06 -18.53
CA VAL A 1330 -28.92 31.38 -18.88
C VAL A 1330 -29.76 31.54 -17.61
N ALA A 1331 -29.54 30.70 -16.61
CA ALA A 1331 -30.30 30.85 -15.36
C ALA A 1331 -29.82 32.04 -14.56
N ASN A 1332 -28.50 32.32 -14.59
CA ASN A 1332 -27.94 33.36 -13.73
C ASN A 1332 -28.25 34.76 -14.26
N THR A 1333 -27.76 35.08 -15.45
CA THR A 1333 -27.85 36.44 -15.95
C THR A 1333 -29.29 36.83 -16.27
N LEU A 1334 -30.00 35.95 -16.93
CA LEU A 1334 -31.33 36.29 -17.34
C LEU A 1334 -32.15 36.20 -16.14
N GLY A 1335 -32.20 35.03 -15.57
CA GLY A 1335 -33.08 34.83 -14.45
C GLY A 1335 -32.68 35.67 -13.28
N PHE A 1336 -31.42 36.13 -13.20
CA PHE A 1336 -30.90 36.84 -12.01
C PHE A 1336 -31.08 35.79 -10.93
N ALA A 1337 -30.80 34.53 -11.26
CA ALA A 1337 -31.07 33.46 -10.31
C ALA A 1337 -29.84 32.81 -9.78
N GLU A 1338 -29.60 32.98 -8.50
CA GLU A 1338 -28.47 32.33 -7.88
C GLU A 1338 -29.06 31.46 -6.83
N MET A 1339 -30.35 31.17 -6.93
CA MET A 1339 -31.01 30.44 -5.87
C MET A 1339 -30.99 28.92 -5.93
N GLY A 1340 -31.04 28.29 -4.76
CA GLY A 1340 -31.15 26.85 -4.76
C GLY A 1340 -29.94 26.12 -5.29
N PRO A 1341 -30.14 25.19 -6.23
CA PRO A 1341 -29.04 24.38 -6.74
C PRO A 1341 -28.34 24.95 -7.97
N ILE A 1342 -28.76 26.11 -8.48
CA ILE A 1342 -28.16 26.61 -9.71
C ILE A 1342 -26.65 26.87 -9.57
N LYS A 1343 -26.19 27.19 -8.36
CA LYS A 1343 -24.78 27.44 -8.17
C LYS A 1343 -24.14 26.11 -8.00
N SER A 1344 -24.92 25.16 -7.55
CA SER A 1344 -24.36 23.86 -7.43
C SER A 1344 -24.07 23.31 -8.81
N LEU A 1345 -24.88 23.64 -9.80
CA LEU A 1345 -24.61 23.23 -11.17
C LEU A 1345 -23.29 23.80 -11.64
N ARG A 1346 -22.90 24.94 -11.11
CA ARG A 1346 -21.69 25.58 -11.54
C ARG A 1346 -20.50 25.04 -10.81
N THR A 1347 -20.68 24.10 -9.90
CA THR A 1347 -19.51 23.47 -9.27
C THR A 1347 -19.11 22.40 -10.21
N LEU A 1348 -19.85 22.26 -11.30
CA LEU A 1348 -19.54 21.27 -12.27
C LEU A 1348 -18.81 21.83 -13.42
N ARG A 1349 -18.23 23.00 -13.27
CA ARG A 1349 -17.42 23.49 -14.32
C ARG A 1349 -16.13 22.84 -14.15
N ALA A 1350 -16.02 22.02 -13.13
CA ALA A 1350 -14.81 21.33 -12.82
C ALA A 1350 -14.41 20.41 -13.87
N LEU A 1351 -15.34 20.02 -14.68
CA LEU A 1351 -15.07 19.03 -15.67
C LEU A 1351 -14.67 19.62 -16.95
N ARG A 1352 -14.46 20.91 -17.01
CA ARG A 1352 -14.01 21.45 -18.26
C ARG A 1352 -12.69 20.84 -18.68
N PRO A 1353 -11.86 20.34 -17.74
CA PRO A 1353 -10.65 19.66 -18.18
C PRO A 1353 -10.91 18.49 -19.05
N LEU A 1354 -12.08 17.87 -18.93
CA LEU A 1354 -12.34 16.63 -19.62
C LEU A 1354 -12.45 16.76 -21.10
N ARG A 1355 -12.49 17.97 -21.60
CA ARG A 1355 -12.64 18.17 -23.00
C ARG A 1355 -11.41 17.60 -23.57
N ALA A 1356 -10.32 17.70 -22.83
CA ALA A 1356 -9.03 17.27 -23.33
C ALA A 1356 -8.78 15.84 -23.70
N LEU A 1357 -9.51 14.88 -23.14
CA LEU A 1357 -9.22 13.46 -23.35
C LEU A 1357 -9.28 13.09 -24.78
N SER A 1358 -10.21 13.62 -25.52
CA SER A 1358 -10.25 13.38 -26.94
C SER A 1358 -9.13 13.93 -27.70
N ARG A 1359 -8.74 15.13 -27.36
CA ARG A 1359 -7.75 15.83 -28.12
C ARG A 1359 -6.34 15.24 -28.17
N PHE A 1360 -5.84 14.69 -27.08
CA PHE A 1360 -4.47 14.20 -27.06
C PHE A 1360 -4.40 12.71 -27.19
N GLU A 1361 -3.69 12.21 -28.19
CA GLU A 1361 -3.74 10.81 -28.49
C GLU A 1361 -3.37 9.86 -27.48
N GLY A 1362 -2.39 10.15 -26.71
CA GLY A 1362 -2.06 9.27 -25.62
C GLY A 1362 -3.09 9.14 -24.56
N MET A 1363 -3.70 10.22 -24.17
CA MET A 1363 -4.64 10.04 -23.16
C MET A 1363 -5.69 9.19 -23.84
N ARG A 1364 -5.95 9.39 -25.13
CA ARG A 1364 -7.00 8.62 -25.74
C ARG A 1364 -6.76 7.14 -25.83
N VAL A 1365 -5.59 6.62 -26.18
CA VAL A 1365 -5.38 5.20 -26.17
C VAL A 1365 -5.50 4.65 -24.82
N VAL A 1366 -5.05 5.33 -23.81
CA VAL A 1366 -5.28 4.84 -22.50
C VAL A 1366 -6.72 4.81 -22.16
N VAL A 1367 -7.54 5.80 -22.46
CA VAL A 1367 -8.94 5.71 -21.99
C VAL A 1367 -9.70 4.64 -22.72
N ASN A 1368 -9.34 4.39 -23.94
CA ASN A 1368 -9.94 3.30 -24.70
C ASN A 1368 -9.61 1.95 -24.09
N ALA A 1369 -8.34 1.76 -23.69
CA ALA A 1369 -7.97 0.51 -23.04
C ALA A 1369 -8.71 0.31 -21.73
N LEU A 1370 -8.87 1.38 -20.94
CA LEU A 1370 -9.62 1.28 -19.71
C LEU A 1370 -11.10 0.99 -19.95
N VAL A 1371 -11.68 1.59 -21.00
CA VAL A 1371 -13.09 1.37 -21.30
C VAL A 1371 -13.32 -0.07 -21.77
N GLY A 1372 -12.37 -0.61 -22.55
CA GLY A 1372 -12.51 -1.98 -23.00
C GLY A 1372 -12.53 -3.00 -21.89
N ALA A 1373 -12.07 -2.63 -20.70
CA ALA A 1373 -12.05 -3.52 -19.54
C ALA A 1373 -13.25 -3.32 -18.62
N ILE A 1374 -14.14 -2.39 -18.93
CA ILE A 1374 -15.27 -2.06 -18.05
C ILE A 1374 -16.20 -3.26 -17.82
N PRO A 1375 -16.62 -4.02 -18.84
CA PRO A 1375 -17.57 -5.12 -18.57
C PRO A 1375 -17.06 -6.12 -17.53
N SER A 1376 -15.77 -6.45 -17.55
CA SER A 1376 -15.23 -7.38 -16.57
C SER A 1376 -15.15 -6.74 -15.19
N ILE A 1377 -14.80 -5.46 -15.13
CA ILE A 1377 -14.64 -4.77 -13.85
C ILE A 1377 -15.96 -4.72 -13.10
N MET A 1378 -17.08 -4.50 -13.80
CA MET A 1378 -18.37 -4.48 -13.12
C MET A 1378 -18.72 -5.84 -12.54
N ASN A 1379 -18.27 -6.93 -13.17
CA ASN A 1379 -18.49 -8.26 -12.60
C ASN A 1379 -17.59 -8.47 -11.40
N VAL A 1380 -16.29 -8.21 -11.53
CA VAL A 1380 -15.41 -8.37 -10.40
C VAL A 1380 -15.83 -7.44 -9.29
N LEU A 1381 -16.24 -6.22 -9.59
CA LEU A 1381 -16.73 -5.32 -8.55
C LEU A 1381 -17.98 -5.80 -7.95
N LEU A 1382 -18.78 -6.50 -8.72
CA LEU A 1382 -19.97 -7.04 -8.17
C LEU A 1382 -19.76 -8.18 -7.17
N VAL A 1383 -18.85 -9.09 -7.45
CA VAL A 1383 -18.67 -10.23 -6.56
C VAL A 1383 -18.16 -9.75 -5.24
N CYS A 1384 -17.31 -8.74 -5.26
CA CYS A 1384 -16.79 -8.19 -4.05
C CYS A 1384 -17.89 -7.60 -3.32
N LEU A 1385 -18.78 -6.96 -4.02
CA LEU A 1385 -19.83 -6.31 -3.35
C LEU A 1385 -20.66 -7.33 -2.66
N ILE A 1386 -20.98 -8.43 -3.26
CA ILE A 1386 -21.71 -9.42 -2.48
C ILE A 1386 -20.88 -10.04 -1.38
N PHE A 1387 -19.63 -10.36 -1.63
CA PHE A 1387 -18.82 -11.02 -0.65
C PHE A 1387 -18.64 -10.13 0.56
N TRP A 1388 -18.39 -8.86 0.37
CA TRP A 1388 -18.27 -8.00 1.49
C TRP A 1388 -19.61 -7.81 2.07
N LEU A 1389 -20.69 -8.18 1.38
CA LEU A 1389 -22.03 -8.13 1.98
C LEU A 1389 -22.11 -9.10 3.10
N ILE A 1390 -21.50 -10.25 2.95
CA ILE A 1390 -21.49 -11.18 4.06
C ILE A 1390 -20.76 -10.55 5.21
N PHE A 1391 -19.59 -9.98 4.95
CA PHE A 1391 -18.77 -9.43 6.01
C PHE A 1391 -19.41 -8.25 6.63
N SER A 1392 -20.05 -7.40 5.86
CA SER A 1392 -20.76 -6.27 6.37
C SER A 1392 -21.95 -6.56 7.21
N ILE A 1393 -22.71 -7.59 6.86
CA ILE A 1393 -23.86 -7.97 7.70
C ILE A 1393 -23.37 -8.66 8.93
N MET A 1394 -22.28 -9.41 8.84
CA MET A 1394 -21.65 -9.93 10.05
C MET A 1394 -21.19 -8.80 10.96
N GLY A 1395 -20.53 -7.79 10.41
CA GLY A 1395 -20.04 -6.70 11.22
C GLY A 1395 -21.15 -5.90 11.88
N VAL A 1396 -22.24 -5.67 11.15
CA VAL A 1396 -23.39 -4.95 11.67
C VAL A 1396 -24.00 -5.75 12.81
N ASN A 1397 -24.13 -7.06 12.62
CA ASN A 1397 -24.68 -7.90 13.67
C ASN A 1397 -23.80 -7.91 14.91
N LEU A 1398 -22.48 -7.81 14.73
CA LEU A 1398 -21.56 -7.89 15.86
C LEU A 1398 -21.42 -6.57 16.62
N PHE A 1399 -21.21 -5.45 15.90
CA PHE A 1399 -20.80 -4.19 16.51
C PHE A 1399 -21.86 -3.10 16.40
N ALA A 1400 -23.14 -3.46 16.35
CA ALA A 1400 -24.19 -2.45 16.27
C ALA A 1400 -24.35 -1.75 17.60
N GLY A 1401 -24.16 -0.42 17.60
CA GLY A 1401 -24.35 0.36 18.80
C GLY A 1401 -23.33 0.15 19.89
N LYS A 1402 -22.12 -0.31 19.53
CA LYS A 1402 -21.08 -0.58 20.51
C LYS A 1402 -19.84 0.30 20.29
N PHE A 1403 -19.98 1.36 19.48
CA PHE A 1403 -18.86 2.25 19.20
C PHE A 1403 -19.02 3.62 19.84
N GLY A 1404 -20.04 3.83 20.66
CA GLY A 1404 -20.26 5.11 21.29
C GLY A 1404 -19.55 5.27 22.63
N ARG A 1405 -18.79 6.35 22.78
CA ARG A 1405 -17.97 6.56 23.96
C ARG A 1405 -18.22 7.96 24.53
N CYS A 1406 -18.25 8.06 25.85
CA CYS A 1406 -18.38 9.36 26.49
C CYS A 1406 -17.07 10.13 26.44
N ILE A 1407 -17.16 11.46 26.39
CA ILE A 1407 -15.97 12.30 26.28
C ILE A 1407 -16.24 13.55 27.12
N ASN A 1408 -15.30 13.96 27.97
CA ASN A 1408 -15.50 15.11 28.86
C ASN A 1408 -15.18 16.42 28.13
N GLN A 1409 -14.77 16.33 26.87
CA GLN A 1409 -14.49 17.53 26.06
C GLN A 1409 -13.32 18.36 26.55
N THR A 1410 -13.49 19.12 27.62
CA THR A 1410 -12.39 19.93 28.05
C THR A 1410 -11.17 19.13 28.35
N GLU A 1411 -11.30 18.08 29.11
CA GLU A 1411 -10.18 17.31 29.49
C GLU A 1411 -9.60 16.69 28.31
N GLY A 1412 -10.43 16.23 27.40
CA GLY A 1412 -9.92 15.66 26.16
C GLY A 1412 -10.77 14.84 25.21
N ASP A 1413 -10.12 14.19 24.27
CA ASP A 1413 -10.79 13.36 23.29
C ASP A 1413 -10.76 11.86 23.55
N LEU A 1414 -10.61 11.41 24.80
CA LEU A 1414 -10.51 9.99 25.09
C LEU A 1414 -11.56 9.56 26.07
N PRO A 1415 -12.07 8.31 25.88
CA PRO A 1415 -13.19 7.96 26.74
C PRO A 1415 -12.87 8.03 28.18
N LEU A 1416 -13.87 8.39 28.97
CA LEU A 1416 -13.71 8.40 30.41
C LEU A 1416 -13.69 6.95 30.82
N ASN A 1417 -13.33 6.71 32.07
CA ASN A 1417 -13.19 5.35 32.54
C ASN A 1417 -14.46 4.68 32.76
N TYR A 1418 -14.52 3.39 32.57
CA TYR A 1418 -15.77 2.70 32.63
C TYR A 1418 -16.34 2.55 33.96
N THR A 1419 -15.59 2.93 34.98
CA THR A 1419 -16.05 2.76 36.35
C THR A 1419 -16.80 4.02 36.72
N ILE A 1420 -16.31 5.16 36.22
CA ILE A 1420 -16.96 6.43 36.51
C ILE A 1420 -18.29 6.54 35.77
N VAL A 1421 -18.29 6.24 34.48
CA VAL A 1421 -19.51 6.24 33.67
C VAL A 1421 -19.48 4.98 32.81
N ASN A 1422 -20.54 4.17 32.90
CA ASN A 1422 -20.58 2.91 32.17
C ASN A 1422 -21.69 2.81 31.12
N ASN A 1423 -22.84 3.43 31.38
CA ASN A 1423 -23.96 3.37 30.45
C ASN A 1423 -24.27 4.76 29.92
N LYS A 1424 -24.90 4.80 28.74
CA LYS A 1424 -25.36 6.08 28.19
C LYS A 1424 -26.33 6.76 29.15
N SER A 1425 -27.16 5.98 29.83
CA SER A 1425 -28.04 6.55 30.85
C SER A 1425 -27.26 7.20 31.98
N GLN A 1426 -26.02 6.75 32.22
CA GLN A 1426 -25.17 7.47 33.17
C GLN A 1426 -24.41 8.60 32.49
N CYS A 1427 -24.18 8.50 31.19
CA CYS A 1427 -23.53 9.58 30.46
C CYS A 1427 -24.39 10.83 30.43
N GLU A 1428 -25.70 10.67 30.23
CA GLU A 1428 -26.61 11.80 30.12
C GLU A 1428 -27.38 12.05 31.43
N SER A 1429 -26.86 11.54 32.54
CA SER A 1429 -27.42 11.83 33.85
C SER A 1429 -26.47 12.62 34.74
N LEU A 1430 -25.24 12.85 34.31
CA LEU A 1430 -24.27 13.65 35.06
C LEU A 1430 -23.94 14.97 34.38
N ASN A 1431 -24.76 15.46 33.44
CA ASN A 1431 -24.51 16.67 32.73
C ASN A 1431 -25.05 17.85 33.45
N LEU A 1432 -24.88 17.92 34.74
CA LEU A 1432 -25.21 19.15 35.46
C LEU A 1432 -24.41 20.32 34.91
N THR A 1433 -23.13 20.08 34.60
CA THR A 1433 -22.29 21.00 33.86
C THR A 1433 -22.05 20.38 32.48
N GLY A 1434 -22.41 21.10 31.44
CA GLY A 1434 -22.49 20.52 30.10
C GLY A 1434 -21.16 20.30 29.42
N GLU A 1435 -20.40 19.30 29.85
CA GLU A 1435 -19.11 18.99 29.26
C GLU A 1435 -19.05 17.61 28.63
N LEU A 1436 -20.03 16.72 28.89
CA LEU A 1436 -19.97 15.35 28.44
C LEU A 1436 -20.77 15.17 27.15
N TYR A 1437 -20.13 14.57 26.15
CA TYR A 1437 -20.75 14.34 24.85
C TYR A 1437 -20.60 12.87 24.49
N TRP A 1438 -21.72 12.22 24.17
CA TRP A 1438 -21.72 10.84 23.69
C TRP A 1438 -21.54 10.86 22.18
N THR A 1439 -20.31 10.64 21.72
CA THR A 1439 -19.98 10.77 20.30
C THR A 1439 -19.55 9.41 19.77
N LYS A 1440 -20.16 9.00 18.66
CA LYS A 1440 -19.78 7.75 18.02
C LYS A 1440 -18.50 7.93 17.21
N VAL A 1441 -17.86 6.80 16.90
CA VAL A 1441 -16.68 6.83 16.04
C VAL A 1441 -17.11 7.28 14.64
N LYS A 1442 -16.26 8.05 13.97
CA LYS A 1442 -16.60 8.57 12.64
C LYS A 1442 -17.00 7.44 11.70
N VAL A 1443 -16.17 6.40 11.63
CA VAL A 1443 -16.48 5.25 10.80
C VAL A 1443 -16.79 4.08 11.72
N ASN A 1444 -18.00 3.53 11.61
CA ASN A 1444 -18.48 2.55 12.56
C ASN A 1444 -19.32 1.52 11.82
N PHE A 1445 -19.87 0.56 12.58
CA PHE A 1445 -20.76 -0.46 12.05
C PHE A 1445 -22.15 -0.20 12.61
N ASP A 1446 -22.91 0.65 11.95
CA ASP A 1446 -24.30 0.91 12.31
C ASP A 1446 -25.29 0.60 11.20
N ASN A 1447 -24.90 0.77 9.93
CA ASN A 1447 -25.73 0.43 8.80
C ASN A 1447 -24.96 -0.54 7.91
N VAL A 1448 -25.69 -1.25 7.05
CA VAL A 1448 -25.02 -2.09 6.07
C VAL A 1448 -24.18 -1.25 5.13
N GLY A 1449 -24.72 -0.12 4.67
CA GLY A 1449 -23.93 0.78 3.85
C GLY A 1449 -22.80 1.43 4.63
N ALA A 1450 -23.07 1.83 5.88
CA ALA A 1450 -22.03 2.38 6.72
C ALA A 1450 -20.96 1.33 7.01
N GLY A 1451 -21.34 0.06 7.02
CA GLY A 1451 -20.35 -0.99 7.17
C GLY A 1451 -19.35 -1.01 6.03
N TYR A 1452 -19.76 -0.82 4.79
CA TYR A 1452 -18.87 -0.97 3.64
C TYR A 1452 -17.79 0.01 3.58
N LEU A 1453 -17.91 1.18 4.19
CA LEU A 1453 -16.77 2.11 4.26
C LEU A 1453 -15.74 1.55 5.14
N ALA A 1454 -16.13 1.03 6.27
CA ALA A 1454 -15.19 0.57 7.18
C ALA A 1454 -14.48 -0.54 6.60
N LEU A 1455 -15.12 -1.37 5.90
CA LEU A 1455 -14.42 -2.41 5.28
C LEU A 1455 -13.51 -1.89 4.28
N LEU A 1456 -13.68 -0.69 3.77
CA LEU A 1456 -12.70 -0.22 2.76
C LEU A 1456 -11.51 0.30 3.48
N GLN A 1457 -11.67 0.75 4.69
CA GLN A 1457 -10.55 1.12 5.40
C GLN A 1457 -9.70 -0.07 5.83
N VAL A 1458 -10.22 -1.18 6.38
CA VAL A 1458 -9.45 -2.38 6.71
C VAL A 1458 -8.88 -3.08 5.52
N ALA A 1459 -9.56 -3.14 4.42
CA ALA A 1459 -9.07 -3.75 3.26
C ALA A 1459 -8.06 -3.01 2.54
N THR A 1460 -7.97 -1.71 2.73
CA THR A 1460 -6.91 -0.87 2.13
C THR A 1460 -5.86 -0.64 3.17
N PHE A 1461 -6.13 -0.98 4.43
CA PHE A 1461 -5.23 -0.89 5.55
C PHE A 1461 -4.98 0.48 6.06
N LYS A 1462 -5.81 1.45 5.76
CA LYS A 1462 -5.54 2.80 6.15
C LYS A 1462 -6.63 3.36 6.93
N GLY A 1463 -6.44 3.50 8.21
CA GLY A 1463 -7.51 3.93 9.09
C GLY A 1463 -8.14 2.75 9.82
N TRP A 1464 -7.69 1.55 9.46
CA TRP A 1464 -8.22 0.35 10.08
C TRP A 1464 -7.91 0.27 11.57
N MET A 1465 -6.86 0.94 12.02
CA MET A 1465 -6.44 0.81 13.41
C MET A 1465 -7.47 1.40 14.37
N ASP A 1466 -8.11 2.50 14.00
CA ASP A 1466 -9.12 3.09 14.88
C ASP A 1466 -10.37 2.23 14.94
N ILE A 1467 -10.72 1.57 13.84
CA ILE A 1467 -11.86 0.66 13.85
C ILE A 1467 -11.54 -0.59 14.66
N MET A 1468 -10.33 -1.13 14.47
CA MET A 1468 -9.92 -2.31 15.22
C MET A 1468 -9.79 -2.04 16.71
N TYR A 1469 -9.34 -0.85 17.09
CA TYR A 1469 -9.23 -0.47 18.49
C TYR A 1469 -10.58 -0.26 19.13
N ALA A 1470 -11.62 0.03 18.34
CA ALA A 1470 -12.95 0.22 18.88
C ALA A 1470 -13.78 -1.06 18.90
N ALA A 1471 -13.58 -1.95 17.93
CA ALA A 1471 -14.27 -3.23 17.96
C ALA A 1471 -13.81 -4.08 19.13
N VAL A 1472 -12.50 -4.08 19.40
CA VAL A 1472 -11.95 -4.84 20.51
C VAL A 1472 -12.47 -4.32 21.86
N ASP A 1473 -12.79 -3.04 21.94
CA ASP A 1473 -13.31 -2.44 23.15
C ASP A 1473 -14.83 -2.53 23.25
N SER A 1474 -15.46 -3.33 22.41
CA SER A 1474 -16.92 -3.39 22.36
C SER A 1474 -17.42 -4.12 23.61
N ARG A 1475 -17.51 -3.37 24.70
CA ARG A 1475 -17.96 -3.89 25.99
C ARG A 1475 -19.41 -4.36 25.91
N GLY A 1476 -20.19 -3.81 25.00
CA GLY A 1476 -21.57 -4.21 24.86
C GLY A 1476 -22.46 -3.12 24.28
N TYR A 1477 -23.76 -3.37 24.24
CA TYR A 1477 -24.70 -2.45 23.60
C TYR A 1477 -24.92 -1.21 24.45
N GLU A 1478 -24.82 -0.04 23.82
CA GLU A 1478 -25.05 1.24 24.50
C GLU A 1478 -24.36 1.39 25.84
N GLU A 1479 -23.06 1.12 25.86
CA GLU A 1479 -22.30 1.28 27.08
C GLU A 1479 -20.85 1.56 26.74
N GLN A 1480 -20.22 2.25 27.71
CA GLN A 1480 -18.84 2.69 27.59
C GLN A 1480 -17.87 1.70 27.05
N PRO A 1481 -16.82 2.21 26.37
CA PRO A 1481 -15.93 1.16 25.93
C PRO A 1481 -14.99 0.73 27.07
N GLN A 1482 -14.32 -0.42 26.96
CA GLN A 1482 -13.40 -0.93 28.00
C GLN A 1482 -12.08 -1.30 27.31
N TRP A 1483 -10.97 -1.37 28.03
CA TRP A 1483 -9.71 -1.59 27.35
C TRP A 1483 -9.43 -2.75 26.51
N GLU A 1484 -9.76 -3.95 26.90
CA GLU A 1484 -9.58 -5.00 25.96
C GLU A 1484 -10.58 -6.10 26.16
N TYR A 1485 -11.78 -5.72 26.61
CA TYR A 1485 -12.86 -6.68 26.83
C TYR A 1485 -12.94 -7.72 25.75
N ASN A 1486 -13.21 -7.31 24.51
CA ASN A 1486 -13.36 -8.29 23.47
C ASN A 1486 -12.20 -8.53 22.60
N LEU A 1487 -11.07 -8.92 23.19
CA LEU A 1487 -9.84 -9.15 22.46
C LEU A 1487 -9.86 -10.02 21.22
N TYR A 1488 -10.70 -11.05 21.16
CA TYR A 1488 -10.58 -11.94 20.03
C TYR A 1488 -11.27 -11.51 18.83
N MET A 1489 -11.73 -10.28 18.78
CA MET A 1489 -12.51 -9.94 17.66
C MET A 1489 -11.54 -9.60 16.68
N TYR A 1490 -10.28 -9.61 17.04
CA TYR A 1490 -9.25 -9.38 16.06
C TYR A 1490 -9.33 -10.48 15.09
N ILE A 1491 -9.92 -11.56 15.47
CA ILE A 1491 -10.11 -12.63 14.54
C ILE A 1491 -10.99 -12.18 13.37
N TYR A 1492 -12.03 -11.38 13.56
CA TYR A 1492 -12.89 -11.05 12.47
C TYR A 1492 -12.11 -10.31 11.50
N PHE A 1493 -11.33 -9.40 12.00
CA PHE A 1493 -10.50 -8.61 11.15
C PHE A 1493 -9.45 -9.47 10.46
N VAL A 1494 -8.89 -10.49 11.13
CA VAL A 1494 -7.96 -11.40 10.45
C VAL A 1494 -8.62 -12.18 9.34
N ILE A 1495 -9.83 -12.64 9.56
CA ILE A 1495 -10.55 -13.35 8.54
C ILE A 1495 -10.90 -12.48 7.36
N PHE A 1496 -11.40 -11.26 7.56
CA PHE A 1496 -11.77 -10.47 6.42
C PHE A 1496 -10.62 -10.25 5.54
N ILE A 1497 -9.48 -9.90 6.11
CA ILE A 1497 -8.29 -9.57 5.38
C ILE A 1497 -7.73 -10.67 4.49
N ILE A 1498 -7.81 -11.90 4.90
CA ILE A 1498 -7.34 -12.87 3.95
C ILE A 1498 -8.33 -12.95 2.83
N PHE A 1499 -9.62 -13.17 3.09
CA PHE A 1499 -10.62 -13.34 2.03
C PHE A 1499 -10.94 -12.07 1.32
N GLY A 1500 -11.23 -10.98 2.05
CA GLY A 1500 -11.51 -9.66 1.52
C GLY A 1500 -10.43 -8.90 0.83
N SER A 1501 -9.19 -9.02 1.31
CA SER A 1501 -8.07 -8.32 0.72
C SER A 1501 -7.27 -9.25 -0.18
N PHE A 1502 -6.89 -10.43 0.32
CA PHE A 1502 -6.05 -11.31 -0.51
C PHE A 1502 -6.71 -12.06 -1.65
N PHE A 1503 -7.82 -12.73 -1.39
CA PHE A 1503 -8.56 -13.43 -2.43
C PHE A 1503 -9.35 -12.59 -3.38
N THR A 1504 -10.05 -11.58 -2.89
CA THR A 1504 -10.74 -10.71 -3.78
C THR A 1504 -9.72 -10.04 -4.64
N LEU A 1505 -8.59 -9.61 -4.12
CA LEU A 1505 -7.62 -9.00 -4.99
C LEU A 1505 -7.09 -9.93 -6.07
N ASN A 1506 -7.00 -11.20 -5.78
CA ASN A 1506 -6.48 -12.10 -6.76
C ASN A 1506 -7.39 -12.14 -7.95
N LEU A 1507 -8.67 -12.20 -7.72
CA LEU A 1507 -9.61 -12.21 -8.82
C LEU A 1507 -9.47 -10.90 -9.61
N PHE A 1508 -9.46 -9.78 -8.92
CA PHE A 1508 -9.31 -8.50 -9.59
C PHE A 1508 -8.12 -8.53 -10.52
N ILE A 1509 -6.98 -9.01 -10.05
CA ILE A 1509 -5.80 -8.94 -10.86
C ILE A 1509 -5.87 -9.90 -12.00
N GLY A 1510 -6.37 -11.07 -11.77
CA GLY A 1510 -6.51 -11.96 -12.89
C GLY A 1510 -7.44 -11.53 -13.98
N VAL A 1511 -8.59 -11.04 -13.62
CA VAL A 1511 -9.46 -10.65 -14.68
C VAL A 1511 -8.88 -9.49 -15.46
N ILE A 1512 -8.25 -8.55 -14.77
CA ILE A 1512 -7.77 -7.40 -15.46
C ILE A 1512 -6.76 -7.88 -16.42
N ILE A 1513 -5.91 -8.78 -15.98
CA ILE A 1513 -4.84 -9.28 -16.87
C ILE A 1513 -5.39 -10.00 -18.05
N ASP A 1514 -6.41 -10.78 -17.85
CA ASP A 1514 -7.01 -11.38 -19.02
C ASP A 1514 -7.61 -10.42 -20.02
N ASN A 1515 -8.36 -9.45 -19.57
CA ASN A 1515 -9.01 -8.64 -20.57
C ASN A 1515 -7.91 -8.08 -21.31
N PHE A 1516 -6.88 -7.67 -20.61
CA PHE A 1516 -5.79 -6.99 -21.23
C PHE A 1516 -5.13 -7.95 -22.18
N ASN A 1517 -5.06 -9.20 -21.82
CA ASN A 1517 -4.35 -10.13 -22.65
C ASN A 1517 -5.02 -10.31 -23.96
N GLN A 1518 -6.32 -10.35 -23.97
CA GLN A 1518 -6.97 -10.54 -25.20
C GLN A 1518 -6.90 -9.33 -26.10
N GLN A 1519 -6.98 -8.12 -25.55
CA GLN A 1519 -7.01 -6.93 -26.37
C GLN A 1519 -5.73 -6.85 -27.11
N LYS A 1520 -4.65 -7.22 -26.48
CA LYS A 1520 -3.37 -7.09 -27.11
C LYS A 1520 -3.34 -7.93 -28.33
N LYS A 1521 -3.93 -9.10 -28.24
CA LYS A 1521 -3.99 -9.96 -29.40
C LYS A 1521 -4.77 -9.44 -30.58
N LYS A 1522 -5.92 -8.82 -30.30
CA LYS A 1522 -6.78 -8.31 -31.37
C LYS A 1522 -5.96 -7.43 -32.28
N LEU A 1523 -5.22 -6.48 -31.71
CA LEU A 1523 -4.32 -5.67 -32.51
C LEU A 1523 -3.01 -6.40 -32.34
N GLY A 1524 -2.77 -7.45 -33.12
CA GLY A 1524 -1.60 -8.27 -32.91
C GLY A 1524 -0.24 -7.63 -32.99
N GLY A 1525 0.64 -7.98 -32.05
CA GLY A 1525 1.97 -7.41 -32.02
C GLY A 1525 1.99 -6.00 -31.51
N GLN A 1526 0.89 -5.56 -30.89
CA GLN A 1526 0.80 -4.17 -30.45
C GLN A 1526 0.28 -3.98 -29.03
N ASP A 1527 1.11 -3.47 -28.14
CA ASP A 1527 0.62 -3.14 -26.81
C ASP A 1527 -0.48 -2.17 -26.81
N ILE A 1528 -1.31 -2.20 -25.80
CA ILE A 1528 -2.28 -1.16 -25.70
C ILE A 1528 -1.41 -0.11 -25.02
N PHE A 1529 -1.93 1.04 -24.68
CA PHE A 1529 -1.19 2.09 -23.95
C PHE A 1529 -0.09 2.68 -24.77
N MET A 1530 -0.31 2.77 -26.06
CA MET A 1530 0.79 3.25 -26.88
C MET A 1530 0.24 3.80 -28.19
N THR A 1531 0.76 4.95 -28.60
CA THR A 1531 0.31 5.62 -29.82
C THR A 1531 1.03 5.01 -31.02
N GLU A 1532 0.67 5.43 -32.23
CA GLU A 1532 1.30 4.92 -33.43
C GLU A 1532 2.71 5.48 -33.60
N GLU A 1533 2.91 6.77 -33.31
CA GLU A 1533 4.24 7.35 -33.39
C GLU A 1533 5.18 6.73 -32.37
N GLN A 1534 4.68 6.47 -31.16
CA GLN A 1534 5.48 5.77 -30.16
C GLN A 1534 5.82 4.36 -30.62
N LYS A 1535 5.06 3.78 -31.52
CA LYS A 1535 5.45 2.47 -31.95
C LYS A 1535 6.74 2.50 -32.61
N LYS A 1536 6.92 3.45 -33.51
CA LYS A 1536 8.16 3.41 -34.29
C LYS A 1536 9.39 3.68 -33.46
N TYR A 1537 9.23 4.37 -32.35
CA TYR A 1537 10.34 4.56 -31.46
C TYR A 1537 10.67 3.25 -30.89
N TYR A 1538 9.67 2.50 -30.49
CA TYR A 1538 9.93 1.26 -29.81
C TYR A 1538 10.68 0.44 -30.75
N ASN A 1539 10.25 0.45 -31.98
CA ASN A 1539 10.88 -0.43 -32.91
C ASN A 1539 12.38 -0.13 -33.07
N ALA A 1540 12.76 1.12 -33.25
CA ALA A 1540 14.19 1.43 -33.31
C ALA A 1540 14.93 1.30 -32.01
N MET A 1541 14.34 1.70 -30.90
CA MET A 1541 15.06 1.68 -29.65
C MET A 1541 15.40 0.26 -29.32
N LYS A 1542 14.46 -0.64 -29.57
CA LYS A 1542 14.68 -2.04 -29.29
C LYS A 1542 15.85 -2.56 -30.10
N LYS A 1543 15.95 -2.13 -31.36
CA LYS A 1543 16.98 -2.68 -32.21
C LYS A 1543 18.37 -2.39 -31.74
N LEU A 1544 18.61 -1.17 -31.24
CA LEU A 1544 19.96 -0.78 -30.84
C LEU A 1544 20.69 -1.72 -29.89
N GLY A 1545 20.02 -2.19 -28.84
CA GLY A 1545 20.68 -3.02 -27.84
C GLY A 1545 20.25 -4.45 -27.89
N SER A 1546 19.74 -4.87 -29.04
CA SER A 1546 19.39 -6.27 -29.21
C SER A 1546 20.60 -6.93 -29.83
N LYS A 1547 21.39 -6.13 -30.55
CA LYS A 1547 22.60 -6.66 -31.16
C LYS A 1547 23.84 -5.92 -30.65
N LYS A 1548 24.83 -6.65 -30.19
CA LYS A 1548 26.07 -6.04 -29.70
C LYS A 1548 26.90 -5.44 -30.83
N PRO A 1549 27.65 -4.37 -30.54
CA PRO A 1549 28.53 -3.80 -31.56
C PRO A 1549 29.60 -4.80 -31.96
N GLN A 1550 29.99 -4.81 -33.24
CA GLN A 1550 31.08 -5.68 -33.69
C GLN A 1550 32.14 -4.87 -34.43
N LYS A 1551 33.42 -5.22 -34.25
CA LYS A 1551 34.56 -4.51 -34.89
C LYS A 1551 34.98 -3.20 -34.21
N PRO A 1552 35.77 -3.29 -33.13
CA PRO A 1552 36.26 -2.09 -32.42
C PRO A 1552 37.21 -1.21 -33.24
N ILE A 1553 38.11 -1.81 -34.02
CA ILE A 1553 39.10 -1.06 -34.83
C ILE A 1553 39.99 0.01 -34.11
N PRO A 1554 40.62 -0.35 -32.97
CA PRO A 1554 41.50 0.61 -32.31
C PRO A 1554 42.80 0.87 -33.08
N ARG A 1555 43.37 2.07 -32.97
CA ARG A 1555 44.58 2.40 -33.73
C ARG A 1555 45.73 3.01 -32.88
N PRO A 1556 46.99 2.50 -33.02
CA PRO A 1556 48.04 3.16 -32.23
C PRO A 1556 48.23 4.64 -32.55
N LEU A 1557 48.14 5.03 -33.82
CA LEU A 1557 48.36 6.43 -34.23
C LEU A 1557 49.77 6.93 -33.87
N ASN A 1558 49.86 8.10 -33.24
CA ASN A 1558 51.16 8.68 -32.93
C ASN A 1558 51.96 7.85 -31.93
N LYS A 1559 53.28 7.77 -32.13
CA LYS A 1559 54.14 7.04 -31.19
C LYS A 1559 54.14 7.76 -29.85
N TYR A 1560 53.89 9.07 -29.87
CA TYR A 1560 53.81 9.84 -28.63
C TYR A 1560 52.76 9.26 -27.68
N GLN A 1561 51.58 8.93 -28.20
CA GLN A 1561 50.59 8.21 -27.41
C GLN A 1561 50.58 6.72 -27.71
N GLY A 1562 51.54 6.22 -28.50
CA GLY A 1562 51.56 4.81 -28.83
C GLY A 1562 51.88 3.93 -27.64
N PHE A 1563 52.44 4.53 -26.59
CA PHE A 1563 52.67 3.83 -25.34
C PHE A 1563 51.74 4.27 -24.22
N ILE A 1564 50.84 5.22 -24.49
CA ILE A 1564 49.82 5.59 -23.51
C ILE A 1564 48.52 4.86 -23.78
N PHE A 1565 48.19 4.67 -25.07
CA PHE A 1565 46.89 4.09 -25.42
C PHE A 1565 46.79 2.63 -24.98
N ASP A 1566 47.92 1.92 -24.90
CA ASP A 1566 47.89 0.56 -24.41
C ASP A 1566 47.58 0.51 -22.92
N ILE A 1567 48.12 1.47 -22.16
CA ILE A 1567 47.82 1.52 -20.73
C ILE A 1567 46.38 1.93 -20.49
N VAL A 1568 45.87 2.89 -21.27
CA VAL A 1568 44.53 3.41 -21.00
C VAL A 1568 43.47 2.36 -21.29
N THR A 1569 43.81 1.35 -22.11
CA THR A 1569 42.81 0.37 -22.51
C THR A 1569 42.86 -0.91 -21.66
N LYS A 1570 43.78 -1.01 -20.71
CA LYS A 1570 43.91 -2.23 -19.92
C LYS A 1570 42.69 -2.45 -19.05
N GLN A 1571 42.39 -3.72 -18.79
CA GLN A 1571 41.33 -4.08 -17.85
C GLN A 1571 41.71 -3.67 -16.44
N ALA A 1572 43.00 -3.76 -16.09
CA ALA A 1572 43.45 -3.37 -14.76
C ALA A 1572 43.16 -1.89 -14.50
N PHE A 1573 43.36 -1.06 -15.53
CA PHE A 1573 43.06 0.36 -15.43
C PHE A 1573 41.57 0.54 -15.19
N ASP A 1574 40.75 -0.23 -15.88
CA ASP A 1574 39.30 -0.12 -15.74
C ASP A 1574 38.87 -0.47 -14.32
N VAL A 1575 39.42 -1.55 -13.75
CA VAL A 1575 38.97 -1.97 -12.43
C VAL A 1575 39.49 -1.02 -11.36
N THR A 1576 40.72 -0.51 -11.49
CA THR A 1576 41.19 0.41 -10.46
C THR A 1576 40.40 1.72 -10.49
N ILE A 1577 40.02 2.17 -11.70
CA ILE A 1577 39.12 3.32 -11.78
C ILE A 1577 37.79 3.01 -11.13
N MET A 1578 37.19 1.86 -11.47
CA MET A 1578 35.88 1.50 -10.95
C MET A 1578 35.89 1.33 -9.45
N PHE A 1579 37.02 0.96 -8.85
CA PHE A 1579 37.14 0.85 -7.41
C PHE A 1579 37.49 2.17 -6.74
N LEU A 1580 38.17 3.07 -7.44
CA LEU A 1580 38.30 4.43 -6.94
C LEU A 1580 36.95 5.11 -6.86
N ILE A 1581 36.03 4.78 -7.78
CA ILE A 1581 34.67 5.31 -7.64
C ILE A 1581 34.00 4.76 -6.38
N CYS A 1582 34.24 3.49 -6.04
CA CYS A 1582 33.67 2.97 -4.79
C CYS A 1582 34.31 3.64 -3.57
N LEU A 1583 35.61 3.95 -3.66
CA LEU A 1583 36.24 4.70 -2.58
C LEU A 1583 35.61 6.08 -2.43
N ASN A 1584 35.32 6.73 -3.55
CA ASN A 1584 34.60 8.00 -3.49
C ASN A 1584 33.21 7.83 -2.89
N MET A 1585 32.56 6.72 -3.22
CA MET A 1585 31.25 6.42 -2.69
C MET A 1585 31.28 6.31 -1.17
N VAL A 1586 32.24 5.55 -0.63
CA VAL A 1586 32.31 5.34 0.81
C VAL A 1586 32.75 6.62 1.51
N THR A 1587 33.62 7.41 0.89
CA THR A 1587 34.00 8.67 1.52
C THR A 1587 32.86 9.67 1.48
N MET A 1588 31.91 9.48 0.55
CA MET A 1588 30.68 10.27 0.59
C MET A 1588 29.74 9.79 1.69
N MET A 1589 29.75 8.52 2.01
CA MET A 1589 28.77 8.02 2.95
C MET A 1589 29.02 8.38 4.33
N VAL A 1590 30.12 9.06 4.58
CA VAL A 1590 30.49 9.34 5.95
C VAL A 1590 30.03 10.65 6.56
N GLU A 1591 29.26 11.44 5.86
CA GLU A 1591 28.91 12.74 6.34
C GLU A 1591 27.96 12.71 7.47
N THR A 1592 27.86 13.78 8.23
CA THR A 1592 26.88 13.87 9.28
C THR A 1592 26.64 15.28 9.75
N ASP A 1593 25.51 15.57 10.37
CA ASP A 1593 25.24 16.84 10.98
C ASP A 1593 26.05 16.89 12.25
N ASP A 1594 26.32 18.09 12.78
CA ASP A 1594 27.14 18.25 13.96
C ASP A 1594 28.51 17.64 13.87
N GLN A 1595 29.25 18.00 12.85
CA GLN A 1595 30.57 17.47 12.68
C GLN A 1595 31.61 18.49 13.08
N SER A 1596 32.65 18.08 13.81
CA SER A 1596 33.72 18.95 14.29
C SER A 1596 34.56 19.54 13.16
N PRO A 1597 35.16 20.71 13.38
CA PRO A 1597 35.88 21.39 12.31
C PRO A 1597 36.98 20.53 11.76
N GLU A 1598 37.63 19.78 12.62
CA GLU A 1598 38.62 18.87 12.13
C GLU A 1598 38.03 17.85 11.14
N LYS A 1599 36.86 17.26 11.41
CA LYS A 1599 36.26 16.36 10.42
C LYS A 1599 35.90 17.04 9.15
N ILE A 1600 35.31 18.21 9.26
CA ILE A 1600 34.84 18.85 8.05
C ILE A 1600 36.00 19.13 7.21
N ASN A 1601 37.04 19.55 7.87
CA ASN A 1601 38.21 19.90 7.14
C ASN A 1601 38.90 18.79 6.31
N ILE A 1602 39.12 17.63 6.92
CA ILE A 1602 39.78 16.56 6.22
C ILE A 1602 38.95 16.19 5.04
N LEU A 1603 37.66 16.04 5.27
CA LEU A 1603 36.79 15.57 4.22
C LEU A 1603 36.72 16.46 3.00
N ALA A 1604 36.68 17.76 3.15
CA ALA A 1604 36.72 18.57 1.95
C ALA A 1604 38.00 18.52 1.15
N LYS A 1605 39.14 18.38 1.80
CA LYS A 1605 40.34 18.24 1.03
C LYS A 1605 40.29 17.01 0.16
N ILE A 1606 39.79 15.93 0.72
CA ILE A 1606 39.70 14.71 -0.04
C ILE A 1606 38.76 14.86 -1.20
N ASN A 1607 37.70 15.61 -1.05
CA ASN A 1607 36.86 15.82 -2.19
C ASN A 1607 37.63 16.48 -3.29
N LEU A 1608 38.50 17.42 -2.96
CA LEU A 1608 39.38 18.01 -4.00
C LEU A 1608 40.32 17.00 -4.60
N LEU A 1609 40.83 16.08 -3.80
CA LEU A 1609 41.68 15.08 -4.41
C LEU A 1609 40.96 14.28 -5.43
N PHE A 1610 39.75 13.87 -5.11
CA PHE A 1610 39.06 13.01 -6.03
C PHE A 1610 38.72 13.64 -7.35
N VAL A 1611 38.35 14.90 -7.32
CA VAL A 1611 37.94 15.54 -8.54
C VAL A 1611 39.15 15.50 -9.36
N ALA A 1612 40.27 15.71 -8.72
CA ALA A 1612 41.49 15.77 -9.48
C ALA A 1612 41.81 14.46 -10.23
N ILE A 1613 41.69 13.32 -9.58
CA ILE A 1613 42.06 12.09 -10.23
C ILE A 1613 41.18 11.93 -11.39
N PHE A 1614 39.92 12.19 -11.19
CA PHE A 1614 38.97 12.04 -12.26
C PHE A 1614 39.20 12.99 -13.41
N THR A 1615 39.56 14.23 -13.16
CA THR A 1615 39.75 15.09 -14.31
C THR A 1615 40.84 14.47 -15.13
N GLY A 1616 41.88 14.00 -14.46
CA GLY A 1616 42.99 13.41 -15.16
C GLY A 1616 42.65 12.19 -15.94
N GLU A 1617 41.78 11.36 -15.42
CA GLU A 1617 41.53 10.11 -16.10
C GLU A 1617 40.96 10.42 -17.43
N CYS A 1618 40.13 11.42 -17.48
CA CYS A 1618 39.55 11.77 -18.74
C CYS A 1618 40.67 12.17 -19.64
N ILE A 1619 41.65 12.87 -19.08
CA ILE A 1619 42.73 13.37 -19.89
C ILE A 1619 43.57 12.31 -20.62
N VAL A 1620 44.00 11.26 -19.91
CA VAL A 1620 44.72 10.19 -20.58
C VAL A 1620 43.83 9.42 -21.50
N LYS A 1621 42.56 9.32 -21.14
CA LYS A 1621 41.61 8.63 -21.99
C LYS A 1621 41.50 9.43 -23.26
N LEU A 1622 41.86 10.69 -23.18
CA LEU A 1622 41.80 11.53 -24.32
C LEU A 1622 43.15 11.62 -24.97
N ALA A 1623 44.04 10.68 -24.67
CA ALA A 1623 45.40 10.81 -25.17
C ALA A 1623 45.52 10.86 -26.66
N ALA A 1624 44.88 9.93 -27.33
CA ALA A 1624 44.91 10.00 -28.76
C ALA A 1624 43.59 9.50 -29.18
N LEU A 1625 42.73 9.31 -28.22
CA LEU A 1625 41.46 8.73 -28.55
C LEU A 1625 40.63 9.91 -28.99
N ARG A 1626 41.00 10.48 -30.13
CA ARG A 1626 40.32 11.65 -30.60
C ARG A 1626 38.87 11.44 -30.96
N HIS A 1627 38.58 10.41 -31.72
CA HIS A 1627 37.21 10.26 -32.18
C HIS A 1627 36.45 9.34 -31.30
N TYR A 1628 37.15 8.40 -30.71
CA TYR A 1628 36.45 7.39 -29.97
C TYR A 1628 36.22 7.73 -28.54
N TYR A 1629 36.72 8.88 -28.09
CA TYR A 1629 36.35 9.21 -26.74
C TYR A 1629 34.86 9.48 -26.85
N PHE A 1630 34.46 10.22 -27.87
CA PHE A 1630 33.04 10.57 -28.03
C PHE A 1630 31.99 9.52 -28.40
N THR A 1631 32.32 8.65 -29.38
CA THR A 1631 31.35 7.67 -29.90
C THR A 1631 30.99 6.51 -29.00
N ASN A 1632 31.68 6.36 -27.88
CA ASN A 1632 31.42 5.24 -26.98
C ASN A 1632 30.00 5.37 -26.47
N SER A 1633 29.54 6.60 -26.20
CA SER A 1633 28.18 6.88 -25.72
C SER A 1633 28.06 6.54 -24.24
N TRP A 1634 29.19 6.16 -23.65
CA TRP A 1634 29.22 5.89 -22.23
C TRP A 1634 30.35 6.78 -21.83
N ASN A 1635 31.36 6.85 -22.69
CA ASN A 1635 32.45 7.79 -22.44
C ASN A 1635 32.01 9.23 -22.57
N ILE A 1636 31.14 9.47 -23.54
CA ILE A 1636 30.63 10.81 -23.73
C ILE A 1636 29.85 11.24 -22.51
N PHE A 1637 29.17 10.31 -21.85
CA PHE A 1637 28.40 10.62 -20.67
C PHE A 1637 29.32 11.19 -19.66
N ASP A 1638 30.53 10.62 -19.61
CA ASP A 1638 31.50 11.05 -18.63
C ASP A 1638 32.08 12.43 -18.66
N PHE A 1639 32.29 13.00 -19.82
CA PHE A 1639 32.92 14.30 -19.76
C PHE A 1639 32.04 15.15 -18.96
N VAL A 1640 30.76 15.04 -19.21
CA VAL A 1640 29.84 15.93 -18.59
C VAL A 1640 30.06 15.85 -17.13
N VAL A 1641 30.24 14.64 -16.62
CA VAL A 1641 30.31 14.53 -15.17
C VAL A 1641 31.48 15.32 -14.60
N VAL A 1642 32.65 15.21 -15.21
CA VAL A 1642 33.79 15.92 -14.70
C VAL A 1642 33.59 17.40 -14.87
N ILE A 1643 32.96 17.85 -15.94
CA ILE A 1643 32.87 19.30 -16.06
C ILE A 1643 32.00 19.80 -14.97
N LEU A 1644 30.93 19.09 -14.68
CA LEU A 1644 30.03 19.60 -13.71
C LEU A 1644 30.84 19.66 -12.45
N SER A 1645 31.66 18.63 -12.25
CA SER A 1645 32.49 18.57 -11.06
C SER A 1645 33.54 19.68 -10.97
N ILE A 1646 34.24 19.99 -12.06
CA ILE A 1646 35.27 21.00 -12.01
C ILE A 1646 34.60 22.30 -11.68
N VAL A 1647 33.46 22.53 -12.29
CA VAL A 1647 32.69 23.72 -11.94
C VAL A 1647 32.27 23.65 -10.52
N GLY A 1648 31.91 22.46 -10.09
CA GLY A 1648 31.39 22.39 -8.77
C GLY A 1648 32.41 22.90 -7.79
N THR A 1649 33.63 22.46 -7.93
CA THR A 1649 34.59 22.87 -6.96
C THR A 1649 34.81 24.33 -7.13
N VAL A 1650 34.86 24.80 -8.35
CA VAL A 1650 35.18 26.21 -8.53
C VAL A 1650 34.07 27.08 -7.96
N LEU A 1651 32.83 26.72 -8.26
CA LEU A 1651 31.71 27.48 -7.74
C LEU A 1651 31.67 27.53 -6.23
N SER A 1652 32.56 26.82 -5.55
CA SER A 1652 32.41 26.74 -4.10
C SER A 1652 32.46 28.04 -3.27
N ASP A 1653 33.34 28.99 -3.56
CA ASP A 1653 33.44 30.18 -2.72
C ASP A 1653 32.73 31.34 -3.38
N ILE A 1654 32.16 31.08 -4.55
CA ILE A 1654 31.44 32.10 -5.30
C ILE A 1654 30.10 32.46 -4.64
N ILE A 1655 29.60 31.60 -3.76
CA ILE A 1655 28.27 31.79 -3.15
C ILE A 1655 28.17 32.97 -2.23
N GLN A 1656 29.30 33.53 -1.86
CA GLN A 1656 29.25 34.57 -0.85
C GLN A 1656 28.38 35.74 -1.19
N LYS A 1657 28.39 36.20 -2.42
CA LYS A 1657 27.47 37.28 -2.70
C LYS A 1657 26.11 36.77 -3.17
N TYR A 1658 25.61 35.68 -2.56
CA TYR A 1658 24.29 35.13 -2.92
C TYR A 1658 23.27 34.97 -1.77
N PHE A 1659 22.02 35.37 -1.99
CA PHE A 1659 20.99 35.29 -0.94
C PHE A 1659 20.43 33.90 -0.66
N PHE A 1660 19.88 33.65 0.56
CA PHE A 1660 19.37 32.29 0.96
C PHE A 1660 20.50 31.29 0.78
N SER A 1661 21.66 31.52 1.40
CA SER A 1661 22.84 30.69 1.12
C SER A 1661 22.77 29.17 1.33
N PRO A 1662 22.07 28.69 2.35
CA PRO A 1662 22.11 27.23 2.53
C PRO A 1662 21.62 26.34 1.37
N THR A 1663 20.54 26.69 0.69
CA THR A 1663 19.98 25.83 -0.35
C THR A 1663 20.43 26.02 -1.77
N LEU A 1664 21.29 26.98 -2.06
CA LEU A 1664 21.75 27.08 -3.44
C LEU A 1664 22.87 26.12 -3.51
N PHE A 1665 23.66 26.12 -2.47
CA PHE A 1665 24.84 25.27 -2.45
C PHE A 1665 24.64 23.80 -2.56
N ARG A 1666 23.71 23.24 -1.81
CA ARG A 1666 23.57 21.83 -1.79
C ARG A 1666 23.27 21.35 -3.15
N VAL A 1667 22.44 22.03 -3.88
CA VAL A 1667 22.09 21.47 -5.15
C VAL A 1667 23.24 21.32 -6.10
N ILE A 1668 24.15 22.25 -6.14
CA ILE A 1668 25.28 22.06 -7.01
C ILE A 1668 26.16 20.94 -6.50
N ARG A 1669 26.13 20.69 -5.20
CA ARG A 1669 26.92 19.62 -4.58
C ARG A 1669 26.42 18.31 -5.02
N LEU A 1670 25.14 18.22 -5.23
CA LEU A 1670 24.55 16.98 -5.61
C LEU A 1670 25.06 16.48 -6.95
N ALA A 1671 25.77 17.25 -7.73
CA ALA A 1671 26.25 16.72 -8.97
C ALA A 1671 27.29 15.74 -8.74
N ARG A 1672 27.79 15.67 -7.53
CA ARG A 1672 28.76 14.66 -7.18
C ARG A 1672 28.17 13.29 -7.37
N ILE A 1673 26.88 13.11 -7.12
CA ILE A 1673 26.25 11.81 -7.20
C ILE A 1673 26.43 11.30 -8.60
N GLY A 1674 26.68 12.15 -9.55
CA GLY A 1674 26.76 11.66 -10.88
C GLY A 1674 27.85 10.66 -11.02
N ARG A 1675 28.99 10.87 -10.39
CA ARG A 1675 30.03 9.85 -10.42
C ARG A 1675 29.42 8.55 -9.99
N ILE A 1676 28.66 8.59 -8.91
CA ILE A 1676 28.03 7.38 -8.39
C ILE A 1676 27.36 6.60 -9.52
N LEU A 1677 26.69 7.31 -10.42
CA LEU A 1677 26.00 6.67 -11.54
C LEU A 1677 26.94 6.08 -12.57
N ARG A 1678 28.24 6.36 -12.47
CA ARG A 1678 29.22 5.93 -13.46
C ARG A 1678 29.58 4.45 -13.34
N LEU A 1679 29.15 3.78 -12.28
CA LEU A 1679 29.60 2.41 -12.03
C LEU A 1679 29.01 1.42 -13.04
N ILE A 1680 27.89 1.71 -13.66
CA ILE A 1680 27.24 0.74 -14.53
C ILE A 1680 27.67 0.53 -15.94
N ARG A 1681 28.75 1.13 -16.37
CA ARG A 1681 29.22 0.85 -17.71
C ARG A 1681 30.05 -0.38 -17.57
N GLY A 1682 29.41 -1.54 -17.65
CA GLY A 1682 30.09 -2.80 -17.45
C GLY A 1682 29.37 -3.69 -16.45
N ALA A 1683 28.46 -3.14 -15.65
CA ALA A 1683 27.68 -3.97 -14.76
C ALA A 1683 26.47 -4.34 -15.53
N LYS A 1684 26.49 -5.45 -16.24
CA LYS A 1684 25.37 -5.77 -17.13
C LYS A 1684 24.04 -5.92 -16.45
N GLY A 1685 24.02 -6.46 -15.26
CA GLY A 1685 22.73 -6.74 -14.69
C GLY A 1685 21.96 -5.48 -14.61
N ILE A 1686 22.51 -4.41 -14.11
CA ILE A 1686 21.68 -3.23 -14.01
C ILE A 1686 21.40 -2.77 -15.39
N ARG A 1687 22.35 -2.89 -16.29
CA ARG A 1687 22.13 -2.32 -17.60
C ARG A 1687 20.93 -2.88 -18.35
N THR A 1688 20.70 -4.17 -18.39
CA THR A 1688 19.48 -4.64 -19.01
C THR A 1688 18.27 -4.18 -18.25
N LEU A 1689 18.29 -4.31 -16.94
CA LEU A 1689 17.14 -4.00 -16.15
C LEU A 1689 16.73 -2.55 -16.19
N LEU A 1690 17.66 -1.61 -16.13
CA LEU A 1690 17.34 -0.19 -16.27
C LEU A 1690 16.95 0.16 -17.65
N PHE A 1691 17.49 -0.53 -18.63
CA PHE A 1691 17.16 -0.26 -19.99
C PHE A 1691 15.73 -0.46 -20.14
N ALA A 1692 15.17 -1.39 -19.41
CA ALA A 1692 13.78 -1.69 -19.60
C ALA A 1692 12.97 -0.49 -19.33
N LEU A 1693 13.29 0.28 -18.32
CA LEU A 1693 12.44 1.39 -18.02
C LEU A 1693 12.49 2.26 -19.24
N MET A 1694 13.62 2.36 -19.89
CA MET A 1694 13.68 3.24 -21.01
C MET A 1694 12.71 2.81 -22.06
N MET A 1695 12.61 1.53 -22.33
CA MET A 1695 11.60 1.09 -23.27
C MET A 1695 10.15 1.32 -22.78
N SER A 1696 9.93 1.36 -21.48
CA SER A 1696 8.60 1.51 -20.95
C SER A 1696 8.25 2.90 -20.70
N LEU A 1697 9.16 3.83 -20.88
CA LEU A 1697 8.89 5.23 -20.48
C LEU A 1697 7.72 5.92 -21.19
N PRO A 1698 7.51 5.61 -22.50
CA PRO A 1698 6.36 6.31 -23.10
C PRO A 1698 5.04 5.75 -22.62
N ALA A 1699 4.96 4.46 -22.28
CA ALA A 1699 3.72 4.01 -21.83
C ALA A 1699 3.36 4.60 -20.51
N LEU A 1700 4.31 4.76 -19.63
CA LEU A 1700 4.03 5.27 -18.30
C LEU A 1700 3.58 6.64 -18.45
N PHE A 1701 4.14 7.33 -19.38
CA PHE A 1701 3.75 8.69 -19.61
C PHE A 1701 2.30 8.88 -20.03
N ASN A 1702 1.77 8.08 -20.94
CA ASN A 1702 0.44 8.28 -21.37
C ASN A 1702 -0.45 8.10 -20.19
N ILE A 1703 -0.24 7.09 -19.41
CA ILE A 1703 -1.01 6.90 -18.22
C ILE A 1703 -0.79 8.00 -17.24
N GLY A 1704 0.38 8.54 -17.18
CA GLY A 1704 0.61 9.54 -16.17
C GLY A 1704 -0.25 10.73 -16.39
N LEU A 1705 -0.40 11.15 -17.64
CA LEU A 1705 -1.16 12.34 -17.95
C LEU A 1705 -2.55 12.10 -17.54
N LEU A 1706 -3.05 10.90 -17.74
CA LEU A 1706 -4.36 10.60 -17.24
C LEU A 1706 -4.44 10.68 -15.73
N LEU A 1707 -3.40 10.28 -15.01
CA LEU A 1707 -3.48 10.45 -13.57
C LEU A 1707 -3.51 11.91 -13.24
N PHE A 1708 -2.71 12.69 -13.92
CA PHE A 1708 -2.69 14.10 -13.67
C PHE A 1708 -3.98 14.79 -13.98
N LEU A 1709 -4.58 14.52 -15.11
CA LEU A 1709 -5.77 15.21 -15.50
C LEU A 1709 -6.75 14.84 -14.49
N VAL A 1710 -6.76 13.60 -14.06
CA VAL A 1710 -7.66 13.19 -13.00
C VAL A 1710 -7.40 13.91 -11.66
N MET A 1711 -6.15 14.19 -11.29
CA MET A 1711 -5.86 14.88 -10.06
C MET A 1711 -6.36 16.27 -10.11
N PHE A 1712 -6.22 16.94 -11.25
CA PHE A 1712 -6.65 18.31 -11.38
C PHE A 1712 -8.10 18.33 -11.19
N ILE A 1713 -8.84 17.45 -11.86
CA ILE A 1713 -10.27 17.48 -11.79
C ILE A 1713 -10.74 17.27 -10.37
N TYR A 1714 -10.10 16.37 -9.64
CA TYR A 1714 -10.47 16.13 -8.25
C TYR A 1714 -9.96 17.24 -7.35
N SER A 1715 -8.87 17.90 -7.74
CA SER A 1715 -8.38 19.03 -6.96
C SER A 1715 -9.35 20.20 -7.01
N ILE A 1716 -9.83 20.54 -8.22
CA ILE A 1716 -10.83 21.60 -8.32
C ILE A 1716 -12.08 21.23 -7.54
N PHE A 1717 -12.50 19.97 -7.65
CA PHE A 1717 -13.67 19.52 -6.89
C PHE A 1717 -13.44 19.67 -5.39
N GLY A 1718 -12.23 19.38 -4.92
CA GLY A 1718 -11.94 19.51 -3.50
C GLY A 1718 -11.98 20.94 -3.03
N MET A 1719 -11.37 21.86 -3.79
CA MET A 1719 -11.44 23.27 -3.41
C MET A 1719 -12.86 23.80 -3.48
N ALA A 1720 -13.71 23.18 -4.31
CA ALA A 1720 -15.08 23.65 -4.42
C ALA A 1720 -15.84 23.48 -3.10
N ASN A 1721 -15.68 22.34 -2.43
CA ASN A 1721 -16.48 22.03 -1.25
C ASN A 1721 -15.69 21.88 0.03
N PHE A 1722 -14.44 21.41 -0.03
CA PHE A 1722 -13.69 21.03 1.16
C PHE A 1722 -12.88 22.16 1.77
N ALA A 1723 -12.97 23.37 1.23
CA ALA A 1723 -12.38 24.51 1.90
C ALA A 1723 -13.21 24.89 3.12
N TYR A 1724 -12.58 25.63 4.04
CA TYR A 1724 -13.20 26.01 5.31
C TYR A 1724 -13.70 24.79 6.07
N VAL A 1725 -12.90 23.73 6.22
CA VAL A 1725 -13.28 22.54 7.04
C VAL A 1725 -12.42 22.59 8.26
N LYS A 1726 -12.72 21.92 9.36
CA LYS A 1726 -11.90 22.11 10.54
C LYS A 1726 -10.59 21.54 10.29
N TRP A 1727 -9.58 22.05 10.96
CA TRP A 1727 -8.24 21.62 10.74
C TRP A 1727 -7.85 20.67 11.83
N GLU A 1728 -7.97 19.38 11.61
CA GLU A 1728 -7.72 18.42 12.63
C GLU A 1728 -7.36 17.23 11.88
N ALA A 1729 -6.83 16.21 12.50
CA ALA A 1729 -6.40 15.10 11.75
C ALA A 1729 -5.49 15.41 10.64
N GLY A 1730 -5.80 14.98 9.45
CA GLY A 1730 -4.88 15.17 8.38
C GLY A 1730 -5.04 16.41 7.57
N ILE A 1731 -5.93 17.34 7.96
CA ILE A 1731 -6.14 18.59 7.26
C ILE A 1731 -5.51 19.51 8.23
N ASP A 1732 -4.37 20.13 7.90
CA ASP A 1732 -3.60 20.94 8.82
C ASP A 1732 -3.08 22.03 8.04
N ASP A 1733 -2.50 23.03 8.63
CA ASP A 1733 -2.19 24.21 7.89
C ASP A 1733 -1.47 24.20 6.62
N MET A 1734 -0.58 23.34 6.41
CA MET A 1734 0.07 23.41 5.18
C MET A 1734 -0.46 22.45 4.19
N PHE A 1735 -1.22 21.46 4.61
CA PHE A 1735 -1.89 20.53 3.68
C PHE A 1735 -3.36 20.62 3.97
N ASN A 1736 -4.10 21.49 3.27
CA ASN A 1736 -5.48 21.76 3.51
C ASN A 1736 -5.96 21.90 2.14
N PHE A 1737 -7.25 22.15 1.98
CA PHE A 1737 -7.86 22.27 0.69
C PHE A 1737 -8.34 23.70 0.61
N GLN A 1738 -7.50 24.68 0.90
CA GLN A 1738 -7.76 26.12 0.90
C GLN A 1738 -7.13 26.80 -0.31
N THR A 1739 -6.43 26.04 -1.16
CA THR A 1739 -5.89 26.57 -2.40
C THR A 1739 -5.47 25.42 -3.31
N PHE A 1740 -4.91 25.76 -4.47
CA PHE A 1740 -4.54 24.75 -5.45
C PHE A 1740 -3.32 23.93 -5.06
N ALA A 1741 -2.27 24.58 -4.57
CA ALA A 1741 -1.05 23.86 -4.19
C ALA A 1741 -1.32 22.91 -3.03
N ASN A 1742 -1.98 23.40 -1.98
CA ASN A 1742 -2.30 22.56 -0.84
C ASN A 1742 -3.25 21.44 -1.20
N SER A 1743 -4.19 21.67 -2.12
CA SER A 1743 -5.06 20.61 -2.58
C SER A 1743 -4.32 19.54 -3.36
N MET A 1744 -3.44 19.94 -4.27
CA MET A 1744 -2.70 18.96 -5.05
C MET A 1744 -1.68 18.19 -4.22
N LEU A 1745 -1.12 18.81 -3.17
CA LEU A 1745 -0.25 18.05 -2.27
C LEU A 1745 -1.01 16.92 -1.59
N CYS A 1746 -2.20 17.24 -1.07
CA CYS A 1746 -3.03 16.24 -0.38
C CYS A 1746 -3.38 15.09 -1.29
N LEU A 1747 -3.70 15.39 -2.53
CA LEU A 1747 -4.00 14.32 -3.48
C LEU A 1747 -2.78 13.46 -3.72
N PHE A 1748 -1.61 14.01 -3.78
CA PHE A 1748 -0.45 13.15 -3.96
C PHE A 1748 -0.28 12.12 -2.90
N GLN A 1749 -0.61 12.39 -1.68
CA GLN A 1749 -0.52 11.32 -0.77
C GLN A 1749 -1.61 10.34 -1.10
N ILE A 1750 -2.84 10.73 -1.28
CA ILE A 1750 -3.96 9.83 -1.50
C ILE A 1750 -3.83 9.00 -2.74
N THR A 1751 -3.09 9.39 -3.73
CA THR A 1751 -3.05 8.62 -4.95
C THR A 1751 -2.43 7.32 -4.73
N THR A 1752 -1.77 7.13 -3.61
CA THR A 1752 -1.12 5.88 -3.26
C THR A 1752 -1.88 5.28 -2.12
N SER A 1753 -3.10 5.72 -1.92
CA SER A 1753 -3.96 5.27 -0.85
C SER A 1753 -3.41 5.51 0.47
N ALA A 1754 -2.54 6.48 0.61
CA ALA A 1754 -1.90 6.68 1.82
C ALA A 1754 -2.57 7.67 2.58
N GLY A 1755 -2.79 7.43 3.82
CA GLY A 1755 -3.33 8.40 4.69
C GLY A 1755 -4.61 8.96 4.29
N TRP A 1756 -5.51 8.19 3.72
CA TRP A 1756 -6.80 8.66 3.23
C TRP A 1756 -7.87 8.67 4.20
N ASP A 1757 -7.62 8.29 5.40
CA ASP A 1757 -8.63 8.36 6.37
C ASP A 1757 -8.44 9.58 7.13
N GLY A 1758 -7.22 10.05 7.31
CA GLY A 1758 -6.95 11.32 7.94
C GLY A 1758 -7.53 12.46 7.13
N LEU A 1759 -7.50 12.37 5.81
CA LEU A 1759 -8.06 13.43 4.98
C LEU A 1759 -9.57 13.48 5.15
N LEU A 1760 -10.19 12.31 5.08
CA LEU A 1760 -11.66 12.23 5.16
C LEU A 1760 -12.29 12.48 6.53
N SER A 1761 -11.61 12.15 7.63
CA SER A 1761 -12.27 12.30 8.89
C SER A 1761 -12.69 13.65 9.17
N PRO A 1762 -11.93 14.72 8.76
CA PRO A 1762 -12.52 16.04 9.04
C PRO A 1762 -13.78 16.36 8.23
N ILE A 1763 -13.89 15.85 7.01
CA ILE A 1763 -15.04 16.07 6.19
C ILE A 1763 -16.29 15.49 6.82
N LEU A 1764 -16.24 14.30 7.35
CA LEU A 1764 -17.39 13.62 7.87
C LEU A 1764 -17.55 14.11 9.17
N ASN A 1765 -17.51 15.40 9.34
CA ASN A 1765 -17.77 15.86 10.68
C ASN A 1765 -18.77 16.98 10.79
N THR A 1766 -20.03 16.73 10.98
CA THR A 1766 -20.95 17.82 11.21
C THR A 1766 -21.41 17.82 12.64
N GLY A 1767 -21.03 18.78 13.47
CA GLY A 1767 -21.50 18.65 14.83
C GLY A 1767 -21.45 19.74 15.84
N PRO A 1768 -22.29 19.68 16.88
CA PRO A 1768 -22.12 20.64 17.95
C PRO A 1768 -20.81 20.37 18.58
N PRO A 1769 -20.42 19.10 18.86
CA PRO A 1769 -19.03 18.87 19.30
C PRO A 1769 -18.33 18.57 18.03
N TYR A 1770 -17.02 18.57 17.97
CA TYR A 1770 -16.33 18.12 16.77
C TYR A 1770 -16.29 19.10 15.67
N CYS A 1771 -17.12 20.10 15.71
CA CYS A 1771 -17.21 21.17 14.72
C CYS A 1771 -18.02 22.24 15.26
N ASP A 1772 -18.31 23.25 14.47
CA ASP A 1772 -19.23 24.26 15.01
C ASP A 1772 -20.11 24.83 13.93
N PRO A 1773 -21.43 24.68 14.11
CA PRO A 1773 -22.31 25.32 13.15
C PRO A 1773 -22.18 26.83 13.28
N THR A 1774 -22.35 27.57 12.19
CA THR A 1774 -22.31 29.04 12.20
C THR A 1774 -21.00 29.81 12.25
N LEU A 1775 -19.85 29.19 11.91
CA LEU A 1775 -18.64 30.01 11.79
C LEU A 1775 -18.78 30.97 10.63
N PRO A 1776 -18.09 32.12 10.65
CA PRO A 1776 -18.29 33.10 9.57
C PRO A 1776 -17.25 32.99 8.55
N ASN A 1777 -17.60 32.65 7.33
CA ASN A 1777 -16.59 32.37 6.35
C ASN A 1777 -16.68 33.26 5.15
N SER A 1778 -15.55 33.64 4.59
CA SER A 1778 -15.55 34.53 3.43
C SER A 1778 -16.29 34.08 2.17
N ASN A 1779 -15.60 33.42 1.25
CA ASN A 1779 -16.23 33.00 0.02
C ASN A 1779 -17.37 32.00 0.15
N GLY A 1780 -17.12 30.90 0.86
CA GLY A 1780 -18.11 29.84 0.98
C GLY A 1780 -19.25 30.25 1.86
N SER A 1781 -19.07 31.35 2.57
CA SER A 1781 -20.14 31.89 3.41
C SER A 1781 -20.71 31.00 4.51
N ARG A 1782 -19.97 30.80 5.60
CA ARG A 1782 -20.52 30.09 6.79
C ARG A 1782 -20.49 28.58 6.87
N GLY A 1783 -20.61 28.04 8.08
CA GLY A 1783 -20.49 26.61 8.28
C GLY A 1783 -19.02 26.25 8.39
N ASP A 1784 -18.61 25.46 9.37
CA ASP A 1784 -17.25 25.05 9.42
C ASP A 1784 -17.27 23.57 9.32
N CYS A 1785 -18.36 22.98 8.84
CA CYS A 1785 -18.36 21.56 8.95
C CYS A 1785 -18.49 20.97 7.66
N GLY A 1786 -17.58 20.12 7.27
CA GLY A 1786 -17.61 19.48 5.99
C GLY A 1786 -18.81 18.61 5.81
N SER A 1787 -19.11 18.23 4.58
CA SER A 1787 -20.28 17.42 4.25
C SER A 1787 -19.98 15.96 4.04
N PRO A 1788 -20.59 15.05 4.83
CA PRO A 1788 -20.08 13.69 4.60
C PRO A 1788 -20.55 13.08 3.29
N ALA A 1789 -21.75 13.46 2.85
CA ALA A 1789 -22.36 12.81 1.69
C ALA A 1789 -21.51 12.96 0.45
N VAL A 1790 -20.95 14.16 0.21
CA VAL A 1790 -20.10 14.36 -0.94
C VAL A 1790 -18.65 13.97 -0.69
N GLY A 1791 -18.17 14.10 0.55
CA GLY A 1791 -16.80 13.75 0.84
C GLY A 1791 -16.54 12.26 0.70
N ILE A 1792 -17.47 11.43 1.19
CA ILE A 1792 -17.32 9.99 1.07
C ILE A 1792 -17.27 9.58 -0.41
N LEU A 1793 -18.05 10.19 -1.24
CA LEU A 1793 -17.99 9.93 -2.67
C LEU A 1793 -16.70 10.32 -3.33
N PHE A 1794 -16.10 11.47 -2.99
CA PHE A 1794 -14.87 11.94 -3.60
C PHE A 1794 -13.71 11.07 -3.35
N PHE A 1795 -13.48 10.71 -2.10
CA PHE A 1795 -12.39 9.85 -1.75
C PHE A 1795 -12.58 8.46 -2.19
N THR A 1796 -13.75 7.88 -1.96
CA THR A 1796 -14.04 6.53 -2.34
C THR A 1796 -13.97 6.38 -3.78
N THR A 1797 -14.47 7.31 -4.55
CA THR A 1797 -14.24 7.21 -5.98
C THR A 1797 -12.79 7.35 -6.42
N TYR A 1798 -12.01 8.21 -5.78
CA TYR A 1798 -10.62 8.41 -6.12
C TYR A 1798 -9.76 7.26 -5.79
N ILE A 1799 -10.02 6.59 -4.69
CA ILE A 1799 -9.19 5.51 -4.27
C ILE A 1799 -9.33 4.48 -5.39
N ILE A 1800 -10.53 4.19 -5.84
CA ILE A 1800 -10.72 3.22 -6.89
C ILE A 1800 -10.15 3.65 -8.23
N ILE A 1801 -10.33 4.91 -8.63
CA ILE A 1801 -9.88 5.41 -9.90
C ILE A 1801 -8.43 5.39 -9.92
N SER A 1802 -7.79 5.75 -8.82
CA SER A 1802 -6.35 5.66 -8.74
C SER A 1802 -5.84 4.24 -8.76
N PHE A 1803 -6.54 3.30 -8.13
CA PHE A 1803 -6.15 1.92 -8.11
C PHE A 1803 -6.14 1.38 -9.46
N LEU A 1804 -7.17 1.64 -10.22
CA LEU A 1804 -7.27 1.03 -11.51
C LEU A 1804 -6.30 1.62 -12.46
N ILE A 1805 -5.95 2.87 -12.30
CA ILE A 1805 -4.90 3.48 -13.10
C ILE A 1805 -3.48 3.04 -12.72
N VAL A 1806 -3.11 2.99 -11.45
CA VAL A 1806 -1.79 2.46 -11.05
C VAL A 1806 -1.63 1.00 -11.39
N VAL A 1807 -2.67 0.17 -11.26
CA VAL A 1807 -2.64 -1.25 -11.63
C VAL A 1807 -2.39 -1.36 -13.11
N ASN A 1808 -2.87 -0.43 -13.88
CA ASN A 1808 -2.66 -0.44 -15.29
C ASN A 1808 -1.22 -0.32 -15.58
N MET A 1809 -0.52 0.50 -14.81
CA MET A 1809 0.92 0.69 -15.00
C MET A 1809 1.76 -0.52 -14.71
N TYR A 1810 1.37 -1.26 -13.71
CA TYR A 1810 2.09 -2.44 -13.37
C TYR A 1810 2.09 -3.39 -14.50
N ILE A 1811 0.99 -3.53 -15.18
CA ILE A 1811 0.95 -4.39 -16.31
C ILE A 1811 1.86 -3.84 -17.35
N ALA A 1812 1.96 -2.55 -17.48
CA ALA A 1812 2.78 -2.06 -18.56
C ALA A 1812 4.21 -2.45 -18.38
N ILE A 1813 4.75 -2.31 -17.19
CA ILE A 1813 6.09 -2.76 -16.94
C ILE A 1813 6.23 -4.24 -17.01
N ILE A 1814 5.34 -4.96 -16.40
CA ILE A 1814 5.50 -6.38 -16.29
C ILE A 1814 5.46 -6.99 -17.60
N LEU A 1815 4.55 -6.61 -18.44
CA LEU A 1815 4.64 -7.21 -19.72
C LEU A 1815 5.87 -6.81 -20.49
N GLU A 1816 6.23 -5.55 -20.48
CA GLU A 1816 7.43 -5.08 -21.13
C GLU A 1816 8.78 -5.54 -20.55
N ASN A 1817 8.83 -5.80 -19.24
CA ASN A 1817 10.03 -6.36 -18.63
C ASN A 1817 10.02 -7.80 -19.07
N PHE A 1818 8.85 -8.32 -19.40
CA PHE A 1818 8.74 -9.69 -19.92
C PHE A 1818 8.93 -9.52 -21.42
N SER A 1819 9.17 -8.30 -21.86
CA SER A 1819 9.47 -8.09 -23.26
C SER A 1819 10.96 -7.88 -23.45
N VAL A 1820 11.69 -7.42 -22.41
CA VAL A 1820 13.14 -7.38 -22.66
C VAL A 1820 13.86 -8.67 -22.22
N ALA A 1821 13.53 -9.17 -21.02
CA ALA A 1821 14.12 -10.41 -20.50
C ALA A 1821 13.69 -11.68 -21.21
N THR A 1822 12.38 -11.82 -21.44
CA THR A 1822 11.86 -12.98 -22.12
C THR A 1822 12.43 -13.02 -23.52
N GLU A 1823 12.56 -11.85 -24.16
CA GLU A 1823 13.02 -11.82 -25.52
C GLU A 1823 14.41 -12.37 -25.67
N GLU A 1824 15.28 -12.12 -24.72
CA GLU A 1824 16.66 -12.57 -24.89
C GLU A 1824 16.81 -14.06 -24.65
#